data_7OHA
#
_entry.id   7OHA
#
_cell.length_a   1.00
_cell.length_b   1.00
_cell.length_c   1.00
_cell.angle_alpha   90.00
_cell.angle_beta   90.00
_cell.angle_gamma   90.00
#
_symmetry.space_group_name_H-M   'P 1'
#
loop_
_entity.id
_entity.type
_entity.pdbx_description
1 polymer 'Histone H3.2'
2 polymer 'Histone H4'
3 polymer 'Histone H2A'
4 polymer 'Histone H2B 1.1'
5 polymer 'DNA (122-MER)'
6 polymer 'DNA (122-MER)'
7 polymer 'TATA-binding protein'
8 polymer 'Transcription initiation factor IIA large subunit'
9 polymer 'Transcription initiation factor IIA subunit 2'
#
loop_
_entity_poly.entity_id
_entity_poly.type
_entity_poly.pdbx_seq_one_letter_code
_entity_poly.pdbx_strand_id
1 'polypeptide(L)'
;ARTKQTARKSTGGKAPRKQLATKAARKSAPATGGVKKPHRYRPGTVALREIRRYQKSTELLIRKLPFQRLVREIAQDFKT
DLRFQSSAVMALQEASEAYLVALFEDTNLCAIHAKRVTIMPKDIQLARRIRGERA
;
A,E
2 'polypeptide(L)'
;SGRGKGGKGLGKGGAKRHRKVLRDNIQGITKPAIRRLARRGGVKRISGLIYEETRGVLKVFLENVIRDAVTYTEHAKRKT
VTAMDVVYALKRQGRTLYGFGG
;
B,F
3 'polypeptide(L)'
;SGRGKQGGKTRAKAKTRSSRAGLQFPVGRVHRLLRKGNYAERVGAGAPVYLAAVLEYLTAEILELAGNAARDNKKTRIIP
RHLQLAVRNDEELNKLLGRVTIAQGGVLPNIQSVLLPKKTESSKSAKSK
;
C,G
4 'polypeptide(L)'
;AKSAPAPKKGSKKAVTKTQKKDGKKRRKTRKESYAIYVYKVLKQVHPDTGISSKAMSIMNSFVNDVFERIAGEASRLAHY
NKRSTITSREIQTAVRLLLPGELAKHAVSEGTKAVTKYTSAK
;
D,H
5 'polydeoxyribonucleotide'
;(DA)(DT)(DC)(DA)(DG)(DA)(DA)(DT)(DC)(DC)(DC)(DG)(DG)(DT)(DG)(DC)(DC)(DG)(DA)(DG)
(DG)(DC)(DC)(DG)(DC)(DT)(DC)(DA)(DA)(DT)(DT)(DG)(DG)(DT)(DC)(DG)(DT)(DA)(DG)(DA)
(DC)(DA)(DG)(DC)(DT)(DC)(DT)(DA)(DG)(DC)(DA)(DC)(DC)(DG)(DC)(DT)(DT)(DA)(DA)(DA)
(DC)(DG)(DC)(DA)(DC)(DG)(DT)(DA)(DC)(DG)(DC)(DG)(DC)(DT)(DG)(DT)(DC)(DC)(DC)(DC)
(DC)(DG)(DC)(DG)(DT)(DT)(DT)(DT)(DA)(DA)(DC)(DC)(DG)(DC)(DC)(DA)(DA)(DG)(DG)(DG)
(DG)(DA)(DT)(DT)(DA)(DC)(DT)(DC)(DC)(DC)(DT)(DA)(DG)(DT)(DC)(DT)(DC)(DC)(DA)(DG)
(DG)(DC)(DA)(DC)(DG)(DT)(DG)(DT)(DC)(DA)(DG)(DA)(DT)(DA)(DT)(DA)(DT)(DA)(DC)(DA)
(DT)(DC)(DG)(DA)(DT)
;
I
6 'polydeoxyribonucleotide'
;(DA)(DT)(DC)(DG)(DA)(DT)(DG)(DT)(DA)(DT)(DA)(DT)(DA)(DT)(DC)(DT)(DG)(DA)(DC)(DA)
(DC)(DG)(DT)(DG)(DC)(DC)(DT)(DG)(DG)(DA)(DG)(DA)(DC)(DT)(DA)(DG)(DG)(DG)(DA)(DG)
(DT)(DA)(DA)(DT)(DC)(DC)(DC)(DC)(DT)(DT)(DG)(DG)(DC)(DG)(DG)(DT)(DT)(DA)(DA)(DA)
(DA)(DC)(DG)(DC)(DG)(DG)(DG)(DG)(DG)(DA)(DC)(DA)(DG)(DC)(DG)(DC)(DG)(DT)(DA)(DC)
(DG)(DT)(DG)(DC)(DG)(DT)(DT)(DT)(DA)(DA)(DG)(DC)(DG)(DG)(DT)(DG)(DC)(DT)(DA)(DG)
(DA)(DG)(DC)(DT)(DG)(DT)(DC)(DT)(DA)(DC)(DG)(DA)(DC)(DC)(DA)(DA)(DT)(DT)(DG)(DA)
(DG)(DC)(DG)(DG)(DC)(DC)(DT)(DC)(DG)(DG)(DC)(DA)(DC)(DC)(DG)(DG)(DG)(DA)(DT)(DT)
(DC)(DT)(DG)(DA)(DT)
;
J
7 'polypeptide(L)'
;MADEERLKEFKEANKIVFDPNTRQVWENQNRDGTKPATTFQSEEDIKRAAPESEKDTSATSGIVPTLQNIVATVTLGCRL
DLKTVALHARNAEYNPKRFAAVIMRIREPKTTALIFASGKMVVTGAKSEDDSKLASRKYARIIQKIGFAAKFTDFKIQNI
VGSCDVKFPIRLEGLAFSHGTFSSYEPELFPGLIYRMVKPKIVLLIFVSGKIVLTGAKQREEIYQAFEAIYPVLSEFRKM
;
K
8 'polypeptide(L)'
;MSNAEASRVYEIIVESVVNEVREDFENAGIDEQTLQDLKNIWQKKLTETKVTTFSWDNQFNEGNINGVQNDLNFNLATPG
VNSSEFNIKEENTGSALLDTDEVGSELDDSDDDYLISEGEEDGPDENLMLCLYDKVTRTKARWKCSLKDGVVTINRNDYT
FQKAQVEAEWV
;
L
9 'polypeptide(L)'
;MAVPGYYELYRRSTIGNSLVDALDTLISDGRIEASLAMRVLETFDKVVAETLKDNTQSKLTVKGNLDTYGFCDDVWTFIV
KNCQVTVEDSHRDASQNGSGDSQSVISVDKLRIVACNSKKSE
;
M
#
# COMPACT_ATOMS: atom_id res chain seq x y z
N PRO A 38 -17.27 -37.60 23.85
CA PRO A 38 -16.72 -36.76 24.92
C PRO A 38 -17.38 -35.40 25.00
N HIS A 39 -16.90 -34.55 25.92
CA HIS A 39 -17.44 -33.20 26.05
C HIS A 39 -17.03 -32.35 24.86
N ARG A 40 -18.00 -31.64 24.29
CA ARG A 40 -17.77 -30.71 23.19
C ARG A 40 -18.28 -29.34 23.60
N TYR A 41 -17.45 -28.32 23.41
CA TYR A 41 -17.83 -26.96 23.75
C TYR A 41 -18.97 -26.49 22.87
N ARG A 42 -19.91 -25.75 23.49
CA ARG A 42 -21.06 -25.24 22.79
C ARG A 42 -20.62 -24.30 21.67
N PRO A 43 -21.28 -24.31 20.51
CA PRO A 43 -20.87 -23.44 19.40
C PRO A 43 -20.93 -21.97 19.74
N GLY A 44 -19.85 -21.26 19.42
CA GLY A 44 -19.76 -19.84 19.67
C GLY A 44 -19.01 -19.46 20.94
N THR A 45 -18.85 -20.40 21.88
CA THR A 45 -18.06 -20.13 23.07
C THR A 45 -16.58 -19.98 22.75
N VAL A 46 -16.04 -20.83 21.88
CA VAL A 46 -14.62 -20.74 21.59
C VAL A 46 -14.35 -19.53 20.71
N ALA A 47 -15.32 -19.17 19.85
CA ALA A 47 -15.18 -17.98 19.02
C ALA A 47 -15.08 -16.73 19.88
N LEU A 48 -15.92 -16.65 20.92
CA LEU A 48 -15.87 -15.52 21.84
C LEU A 48 -14.60 -15.54 22.68
N ARG A 49 -14.11 -16.74 23.02
CA ARG A 49 -12.83 -16.83 23.72
C ARG A 49 -11.68 -16.27 22.88
N GLU A 50 -11.65 -16.62 21.58
CA GLU A 50 -10.65 -16.02 20.70
C GLU A 50 -10.86 -14.52 20.55
N ILE A 51 -12.11 -14.06 20.51
CA ILE A 51 -12.37 -12.63 20.41
C ILE A 51 -11.78 -11.89 21.60
N ARG A 52 -12.06 -12.37 22.82
CA ARG A 52 -11.53 -11.75 24.02
C ARG A 52 -10.00 -11.83 24.07
N ARG A 53 -9.44 -12.99 23.70
CA ARG A 53 -7.99 -13.16 23.70
C ARG A 53 -7.30 -12.20 22.73
N TYR A 54 -7.74 -12.19 21.48
CA TYR A 54 -7.06 -11.38 20.47
C TYR A 54 -7.39 -9.90 20.58
N GLN A 55 -8.49 -9.54 21.25
CA GLN A 55 -8.73 -8.14 21.55
C GLN A 55 -7.99 -7.69 22.80
N LYS A 56 -7.54 -8.63 23.62
CA LYS A 56 -6.69 -8.30 24.76
C LYS A 56 -5.22 -8.22 24.37
N SER A 57 -4.83 -8.82 23.25
CA SER A 57 -3.43 -8.92 22.85
C SER A 57 -3.04 -7.78 21.91
N THR A 58 -1.73 -7.67 21.67
CA THR A 58 -1.18 -6.70 20.75
C THR A 58 -0.27 -7.28 19.69
N GLU A 59 -0.04 -8.60 19.71
CA GLU A 59 0.85 -9.24 18.76
C GLU A 59 0.30 -9.15 17.33
N LEU A 60 1.17 -9.44 16.37
CA LEU A 60 0.75 -9.50 14.97
C LEU A 60 0.10 -10.85 14.68
N LEU A 61 -1.01 -10.80 13.96
CA LEU A 61 -1.81 -11.99 13.72
C LEU A 61 -1.48 -12.67 12.40
N ILE A 62 -0.76 -12.00 11.50
CA ILE A 62 -0.27 -12.59 10.28
C ILE A 62 1.18 -13.00 10.49
N ARG A 63 1.52 -14.22 10.05
CA ARG A 63 2.89 -14.69 10.09
C ARG A 63 3.79 -13.78 9.25
N LYS A 64 4.95 -13.42 9.81
CA LYS A 64 5.79 -12.37 9.23
C LYS A 64 6.41 -12.78 7.91
N LEU A 65 6.83 -14.04 7.78
CA LEU A 65 7.53 -14.47 6.56
C LEU A 65 6.61 -14.56 5.33
N PRO A 66 5.40 -15.17 5.40
CA PRO A 66 4.53 -15.11 4.21
C PRO A 66 4.10 -13.71 3.86
N PHE A 67 3.89 -12.84 4.85
CA PHE A 67 3.55 -11.45 4.56
C PHE A 67 4.72 -10.74 3.87
N GLN A 68 5.95 -11.02 4.30
CA GLN A 68 7.12 -10.44 3.66
C GLN A 68 7.26 -10.92 2.22
N ARG A 69 7.01 -12.22 1.98
CA ARG A 69 7.03 -12.75 0.62
C ARG A 69 5.95 -12.09 -0.24
N LEU A 70 4.78 -11.85 0.34
CA LEU A 70 3.70 -11.17 -0.37
C LEU A 70 4.11 -9.75 -0.75
N VAL A 71 4.70 -9.03 0.22
CA VAL A 71 5.13 -7.65 -0.02
C VAL A 71 6.15 -7.60 -1.13
N ARG A 72 7.14 -8.50 -1.10
CA ARG A 72 8.18 -8.51 -2.13
C ARG A 72 7.59 -8.83 -3.51
N GLU A 73 6.65 -9.79 -3.57
CA GLU A 73 5.99 -10.12 -4.84
C GLU A 73 5.26 -8.90 -5.41
N ILE A 74 4.42 -8.26 -4.57
CA ILE A 74 3.71 -7.05 -4.99
C ILE A 74 4.69 -5.98 -5.46
N ALA A 75 5.77 -5.77 -4.71
CA ALA A 75 6.72 -4.71 -5.04
C ALA A 75 7.48 -5.00 -6.32
N GLN A 76 7.57 -6.27 -6.72
CA GLN A 76 8.30 -6.64 -7.92
C GLN A 76 7.66 -6.02 -9.16
N ASP A 77 6.32 -5.98 -9.19
CA ASP A 77 5.58 -5.46 -10.34
C ASP A 77 5.89 -3.99 -10.62
N PHE A 78 6.28 -3.23 -9.59
CA PHE A 78 6.53 -1.79 -9.76
C PHE A 78 7.99 -1.55 -10.15
N LYS A 79 8.92 -1.81 -9.22
CA LYS A 79 10.34 -1.71 -9.51
C LYS A 79 11.01 -3.03 -9.15
N THR A 80 11.84 -3.52 -10.06
CA THR A 80 12.59 -4.75 -9.86
C THR A 80 13.80 -4.51 -8.95
N ASP A 81 14.32 -5.61 -8.39
CA ASP A 81 15.53 -5.66 -7.54
C ASP A 81 15.44 -4.67 -6.38
N LEU A 82 14.28 -4.61 -5.75
CA LEU A 82 14.06 -3.76 -4.59
C LEU A 82 14.37 -4.51 -3.30
N ARG A 83 15.11 -3.86 -2.43
CA ARG A 83 15.44 -4.36 -1.10
C ARG A 83 14.48 -3.71 -0.10
N PHE A 84 14.14 -4.44 0.97
CA PHE A 84 13.20 -3.92 1.95
C PHE A 84 13.80 -3.92 3.34
N GLN A 85 13.72 -2.78 4.01
CA GLN A 85 14.13 -2.68 5.40
C GLN A 85 13.20 -3.50 6.27
N SER A 86 13.75 -4.10 7.34
CA SER A 86 12.95 -4.88 8.28
C SER A 86 11.80 -4.04 8.85
N SER A 87 12.14 -2.86 9.38
CA SER A 87 11.14 -1.95 9.95
C SER A 87 10.09 -1.53 8.92
N ALA A 88 10.45 -1.49 7.64
CA ALA A 88 9.49 -1.17 6.59
C ALA A 88 8.43 -2.26 6.46
N VAL A 89 8.87 -3.53 6.46
CA VAL A 89 7.93 -4.64 6.40
C VAL A 89 7.08 -4.70 7.67
N MET A 90 7.69 -4.37 8.82
CA MET A 90 6.93 -4.34 10.07
C MET A 90 5.86 -3.25 10.05
N ALA A 91 6.20 -2.07 9.51
CA ALA A 91 5.21 -0.99 9.40
C ALA A 91 4.10 -1.35 8.43
N LEU A 92 4.46 -1.98 7.30
CA LEU A 92 3.46 -2.47 6.35
C LEU A 92 2.54 -3.48 7.00
N GLN A 93 3.09 -4.38 7.83
CA GLN A 93 2.26 -5.40 8.46
C GLN A 93 1.35 -4.80 9.52
N GLU A 94 1.86 -3.85 10.30
CA GLU A 94 1.03 -3.15 11.27
C GLU A 94 -0.12 -2.41 10.60
N ALA A 95 0.17 -1.71 9.49
CA ALA A 95 -0.87 -0.99 8.77
C ALA A 95 -1.89 -1.94 8.16
N SER A 96 -1.42 -3.06 7.60
CA SER A 96 -2.32 -4.04 7.00
C SER A 96 -3.24 -4.67 8.04
N GLU A 97 -2.70 -5.01 9.21
CA GLU A 97 -3.52 -5.62 10.24
C GLU A 97 -4.51 -4.60 10.81
N ALA A 98 -4.09 -3.33 10.93
CA ALA A 98 -5.03 -2.31 11.39
C ALA A 98 -6.16 -2.11 10.40
N TYR A 99 -5.83 -2.04 9.10
CA TYR A 99 -6.84 -1.84 8.07
C TYR A 99 -7.81 -3.01 8.03
N LEU A 100 -7.29 -4.23 8.17
CA LEU A 100 -8.16 -5.39 8.05
C LEU A 100 -9.00 -5.56 9.30
N VAL A 101 -8.48 -5.20 10.47
CA VAL A 101 -9.27 -5.27 11.69
C VAL A 101 -10.39 -4.24 11.66
N ALA A 102 -10.11 -3.03 11.17
CA ALA A 102 -11.16 -2.02 11.07
C ALA A 102 -12.19 -2.40 10.02
N LEU A 103 -11.75 -3.01 8.92
CA LEU A 103 -12.68 -3.50 7.91
C LEU A 103 -13.56 -4.60 8.48
N PHE A 104 -12.97 -5.50 9.27
CA PHE A 104 -13.75 -6.58 9.87
C PHE A 104 -14.75 -6.04 10.87
N GLU A 105 -14.38 -4.98 11.61
CA GLU A 105 -15.31 -4.35 12.54
C GLU A 105 -16.51 -3.76 11.79
N ASP A 106 -16.24 -3.08 10.67
CA ASP A 106 -17.34 -2.53 9.88
C ASP A 106 -18.18 -3.64 9.25
N THR A 107 -17.51 -4.72 8.82
CA THR A 107 -18.20 -5.88 8.26
C THR A 107 -19.13 -6.52 9.28
N ASN A 108 -18.65 -6.66 10.52
CA ASN A 108 -19.46 -7.24 11.57
C ASN A 108 -20.65 -6.35 11.90
N LEU A 109 -20.42 -5.03 11.96
CA LEU A 109 -21.51 -4.09 12.25
C LEU A 109 -22.59 -4.15 11.18
N CYS A 110 -22.19 -4.17 9.90
CA CYS A 110 -23.18 -4.20 8.83
C CYS A 110 -23.76 -5.60 8.61
N ALA A 111 -23.15 -6.65 9.15
CA ALA A 111 -23.80 -7.95 9.16
C ALA A 111 -24.83 -8.06 10.28
N ILE A 112 -24.52 -7.50 11.45
CA ILE A 112 -25.52 -7.41 12.52
C ILE A 112 -26.69 -6.55 12.09
N HIS A 113 -26.43 -5.50 11.31
CA HIS A 113 -27.49 -4.65 10.78
C HIS A 113 -28.49 -5.43 9.95
N ALA A 114 -28.03 -6.44 9.21
CA ALA A 114 -28.91 -7.32 8.44
C ALA A 114 -29.51 -8.43 9.29
N LYS A 115 -29.45 -8.32 10.62
CA LYS A 115 -29.97 -9.31 11.57
C LYS A 115 -29.33 -10.67 11.33
N ARG A 116 -28.04 -10.67 11.05
CA ARG A 116 -27.26 -11.89 10.86
C ARG A 116 -26.08 -11.91 11.83
N VAL A 117 -25.39 -13.06 11.86
CA VAL A 117 -24.17 -13.23 12.64
C VAL A 117 -22.99 -13.57 11.75
N THR A 118 -23.18 -14.50 10.81
CA THR A 118 -22.14 -14.82 9.84
C THR A 118 -21.90 -13.65 8.91
N ILE A 119 -20.63 -13.34 8.65
CA ILE A 119 -20.27 -12.30 7.70
C ILE A 119 -19.96 -12.93 6.35
N MET A 120 -20.53 -12.38 5.30
CA MET A 120 -20.31 -12.81 3.91
C MET A 120 -19.54 -11.72 3.15
N PRO A 121 -18.96 -12.04 1.98
CA PRO A 121 -18.28 -10.99 1.20
C PRO A 121 -19.14 -9.79 0.81
N LYS A 122 -20.46 -9.96 0.64
CA LYS A 122 -21.30 -8.79 0.38
C LYS A 122 -21.29 -7.80 1.54
N ASP A 123 -21.04 -8.28 2.76
CA ASP A 123 -20.88 -7.36 3.90
C ASP A 123 -19.60 -6.53 3.76
N ILE A 124 -18.50 -7.18 3.36
CA ILE A 124 -17.25 -6.46 3.09
C ILE A 124 -17.43 -5.46 1.96
N GLN A 125 -18.14 -5.86 0.90
CA GLN A 125 -18.36 -4.96 -0.23
C GLN A 125 -19.21 -3.76 0.19
N LEU A 126 -20.19 -3.98 1.06
CA LEU A 126 -21.00 -2.88 1.56
C LEU A 126 -20.16 -1.93 2.40
N ALA A 127 -19.38 -2.49 3.33
CA ALA A 127 -18.57 -1.67 4.22
C ALA A 127 -17.57 -0.83 3.43
N ARG A 128 -16.91 -1.46 2.45
CA ARG A 128 -15.94 -0.76 1.62
C ARG A 128 -16.61 0.33 0.80
N ARG A 129 -17.80 0.04 0.26
CA ARG A 129 -18.52 1.01 -0.56
C ARG A 129 -18.90 2.23 0.27
N ILE A 130 -19.42 2.00 1.48
CA ILE A 130 -19.77 3.12 2.36
C ILE A 130 -18.53 3.91 2.77
N ARG A 131 -17.43 3.22 3.09
CA ARG A 131 -16.19 3.91 3.46
C ARG A 131 -15.63 4.74 2.31
N GLY A 132 -15.93 4.37 1.07
CA GLY A 132 -15.39 5.04 -0.09
C GLY A 132 -14.19 4.36 -0.70
N GLU A 133 -13.77 3.21 -0.16
CA GLU A 133 -12.68 2.45 -0.75
C GLU A 133 -13.04 1.95 -2.14
N ARG A 134 -14.28 1.51 -2.33
CA ARG A 134 -14.73 1.02 -3.63
C ARG A 134 -16.02 1.72 -4.05
N VAL B 21 0.76 -29.00 -0.31
CA VAL B 21 0.61 -28.47 -1.65
C VAL B 21 1.14 -27.05 -1.70
N LEU B 22 1.96 -26.76 -2.72
CA LEU B 22 2.44 -25.40 -2.93
C LEU B 22 1.29 -24.46 -3.28
N ARG B 23 1.32 -23.27 -2.69
CA ARG B 23 0.27 -22.28 -2.88
C ARG B 23 0.90 -20.96 -3.30
N ASP B 24 0.06 -20.06 -3.78
CA ASP B 24 0.52 -18.72 -4.15
C ASP B 24 0.87 -17.94 -2.88
N ASN B 25 1.78 -16.96 -3.04
CA ASN B 25 2.17 -16.09 -1.92
C ASN B 25 0.97 -15.43 -1.26
N ILE B 26 -0.01 -14.98 -2.07
CA ILE B 26 -1.22 -14.38 -1.51
C ILE B 26 -1.99 -15.39 -0.67
N GLN B 27 -1.89 -16.68 -1.01
CA GLN B 27 -2.46 -17.72 -0.16
C GLN B 27 -1.66 -17.93 1.12
N GLY B 28 -0.45 -17.36 1.18
CA GLY B 28 0.34 -17.36 2.41
C GLY B 28 -0.32 -16.59 3.54
N ILE B 29 -1.29 -15.74 3.24
CA ILE B 29 -2.13 -15.12 4.25
C ILE B 29 -3.17 -16.19 4.55
N THR B 30 -2.80 -17.13 5.43
CA THR B 30 -3.57 -18.33 5.67
C THR B 30 -4.94 -18.03 6.27
N LYS B 31 -5.82 -19.03 6.17
CA LYS B 31 -7.15 -18.95 6.78
C LYS B 31 -7.14 -18.67 8.27
N PRO B 32 -6.31 -19.33 9.12
CA PRO B 32 -6.27 -18.93 10.54
C PRO B 32 -5.84 -17.50 10.78
N ALA B 33 -4.97 -16.94 9.94
CA ALA B 33 -4.55 -15.54 10.11
C ALA B 33 -5.72 -14.59 9.89
N ILE B 34 -6.47 -14.82 8.81
CA ILE B 34 -7.68 -14.04 8.54
C ILE B 34 -8.70 -14.23 9.66
N ARG B 35 -8.79 -15.45 10.21
CA ARG B 35 -9.74 -15.69 11.29
C ARG B 35 -9.33 -14.96 12.56
N ARG B 36 -8.02 -14.89 12.85
CA ARG B 36 -7.54 -14.11 13.99
C ARG B 36 -7.80 -12.62 13.79
N LEU B 37 -7.59 -12.13 12.57
CA LEU B 37 -7.90 -10.74 12.26
C LEU B 37 -9.38 -10.44 12.45
N ALA B 38 -10.24 -11.40 12.09
CA ALA B 38 -11.67 -11.25 12.31
C ALA B 38 -12.02 -11.27 13.79
N ARG B 39 -11.41 -12.18 14.56
CA ARG B 39 -11.64 -12.26 16.00
C ARG B 39 -11.25 -10.96 16.70
N ARG B 40 -10.12 -10.36 16.28
CA ARG B 40 -9.76 -9.06 16.84
C ARG B 40 -10.76 -7.99 16.44
N GLY B 41 -11.34 -8.09 15.24
CA GLY B 41 -12.43 -7.22 14.86
C GLY B 41 -13.76 -7.52 15.48
N GLY B 42 -13.87 -8.58 16.26
CA GLY B 42 -15.13 -8.92 16.91
C GLY B 42 -16.02 -9.86 16.14
N VAL B 43 -15.56 -10.40 15.01
CA VAL B 43 -16.38 -11.23 14.15
C VAL B 43 -16.50 -12.62 14.78
N LYS B 44 -17.68 -12.95 15.29
CA LYS B 44 -17.91 -14.26 15.88
C LYS B 44 -17.92 -15.38 14.84
N ARG B 45 -18.59 -15.17 13.71
CA ARG B 45 -18.79 -16.22 12.71
C ARG B 45 -18.29 -15.74 11.35
N ILE B 46 -17.53 -16.59 10.66
CA ILE B 46 -16.93 -16.24 9.38
C ILE B 46 -17.41 -17.24 8.32
N SER B 47 -17.81 -16.73 7.15
CA SER B 47 -18.13 -17.58 6.01
C SER B 47 -16.86 -18.19 5.40
N GLY B 48 -17.05 -18.91 4.30
CA GLY B 48 -15.93 -19.56 3.65
C GLY B 48 -15.29 -18.73 2.55
N LEU B 49 -16.02 -17.75 2.02
CA LEU B 49 -15.52 -16.89 0.96
C LEU B 49 -14.91 -15.60 1.48
N ILE B 50 -15.08 -15.32 2.78
CA ILE B 50 -14.49 -14.16 3.42
C ILE B 50 -12.96 -14.19 3.29
N TYR B 51 -12.37 -15.39 3.27
CA TYR B 51 -10.93 -15.52 3.20
C TYR B 51 -10.40 -15.04 1.85
N GLU B 52 -11.02 -15.48 0.75
CA GLU B 52 -10.61 -15.01 -0.57
C GLU B 52 -10.92 -13.53 -0.76
N GLU B 53 -12.08 -13.07 -0.27
CA GLU B 53 -12.41 -11.65 -0.37
C GLU B 53 -11.41 -10.79 0.39
N THR B 54 -10.98 -11.25 1.56
CA THR B 54 -10.04 -10.50 2.38
C THR B 54 -8.65 -10.52 1.77
N ARG B 55 -8.26 -11.65 1.16
CA ARG B 55 -6.99 -11.71 0.45
C ARG B 55 -6.98 -10.73 -0.72
N GLY B 56 -8.09 -10.64 -1.46
CA GLY B 56 -8.17 -9.67 -2.55
C GLY B 56 -8.12 -8.22 -2.06
N VAL B 57 -8.85 -7.93 -0.98
CA VAL B 57 -8.86 -6.57 -0.42
C VAL B 57 -7.47 -6.19 0.09
N LEU B 58 -6.82 -7.12 0.79
CA LEU B 58 -5.47 -6.88 1.32
C LEU B 58 -4.47 -6.71 0.19
N LYS B 59 -4.63 -7.49 -0.88
CA LYS B 59 -3.76 -7.34 -2.05
C LYS B 59 -3.92 -5.97 -2.68
N VAL B 60 -5.15 -5.47 -2.79
CA VAL B 60 -5.39 -4.14 -3.35
C VAL B 60 -4.77 -3.05 -2.48
N PHE B 61 -5.01 -3.15 -1.16
CA PHE B 61 -4.47 -2.18 -0.21
C PHE B 61 -2.95 -2.17 -0.23
N LEU B 62 -2.34 -3.36 -0.21
CA LEU B 62 -0.89 -3.47 -0.25
C LEU B 62 -0.34 -2.97 -1.58
N GLU B 63 -1.04 -3.22 -2.69
CA GLU B 63 -0.60 -2.70 -3.98
C GLU B 63 -0.56 -1.18 -3.95
N ASN B 64 -1.60 -0.54 -3.41
CA ASN B 64 -1.63 0.92 -3.37
C ASN B 64 -0.53 1.48 -2.48
N VAL B 65 -0.36 0.89 -1.28
CA VAL B 65 0.59 1.46 -0.33
C VAL B 65 2.03 1.19 -0.77
N ILE B 66 2.30 0.01 -1.33
CA ILE B 66 3.65 -0.30 -1.79
C ILE B 66 3.98 0.47 -3.06
N ARG B 67 2.99 0.73 -3.94
CA ARG B 67 3.25 1.58 -5.10
C ARG B 67 3.62 2.99 -4.67
N ASP B 68 2.89 3.52 -3.67
CA ASP B 68 3.21 4.86 -3.18
C ASP B 68 4.57 4.91 -2.49
N ALA B 69 4.91 3.85 -1.75
CA ALA B 69 6.18 3.82 -1.04
C ALA B 69 7.35 3.65 -2.00
N VAL B 70 7.17 2.84 -3.05
CA VAL B 70 8.21 2.67 -4.05
C VAL B 70 8.38 3.93 -4.88
N THR B 71 7.30 4.70 -5.09
CA THR B 71 7.43 6.01 -5.73
C THR B 71 8.25 6.96 -4.86
N TYR B 72 7.94 7.00 -3.56
CA TYR B 72 8.72 7.80 -2.61
C TYR B 72 10.18 7.36 -2.59
N THR B 73 10.44 6.07 -2.72
CA THR B 73 11.80 5.55 -2.73
C THR B 73 12.54 5.98 -4.00
N GLU B 74 11.92 5.77 -5.16
CA GLU B 74 12.51 6.15 -6.44
C GLU B 74 12.79 7.65 -6.52
N HIS B 75 12.00 8.48 -5.83
CA HIS B 75 12.32 9.92 -5.83
C HIS B 75 13.64 10.19 -5.12
N ALA B 76 13.95 9.44 -4.07
CA ALA B 76 15.16 9.64 -3.30
C ALA B 76 16.37 8.95 -3.93
N LYS B 77 16.19 8.35 -5.11
CA LYS B 77 17.23 7.63 -5.86
C LYS B 77 17.82 6.48 -5.05
N ARG B 78 16.99 5.86 -4.22
CA ARG B 78 17.40 4.73 -3.40
C ARG B 78 16.85 3.45 -4.00
N LYS B 79 17.53 2.35 -3.72
CA LYS B 79 17.09 1.03 -4.14
C LYS B 79 16.47 0.22 -3.01
N THR B 80 16.40 0.78 -1.80
CA THR B 80 15.86 0.10 -0.63
C THR B 80 14.64 0.86 -0.17
N VAL B 81 13.53 0.16 0.04
CA VAL B 81 12.34 0.79 0.58
C VAL B 81 12.53 1.03 2.07
N THR B 82 12.49 2.28 2.49
CA THR B 82 12.73 2.66 3.88
C THR B 82 11.39 2.64 4.62
N ALA B 83 11.45 2.43 5.94
CA ALA B 83 10.23 2.50 6.75
C ALA B 83 9.62 3.89 6.72
N MET B 84 10.46 4.93 6.63
CA MET B 84 9.94 6.29 6.50
C MET B 84 9.22 6.50 5.18
N ASP B 85 9.65 5.82 4.11
CA ASP B 85 8.92 5.87 2.85
C ASP B 85 7.51 5.32 3.01
N VAL B 86 7.37 4.21 3.75
CA VAL B 86 6.05 3.63 4.00
C VAL B 86 5.22 4.56 4.87
N VAL B 87 5.86 5.22 5.85
CA VAL B 87 5.15 6.14 6.72
C VAL B 87 4.63 7.35 5.94
N TYR B 88 5.46 7.90 5.04
CA TYR B 88 5.00 9.02 4.22
C TYR B 88 3.93 8.60 3.21
N ALA B 89 4.03 7.38 2.68
CA ALA B 89 2.99 6.88 1.78
C ALA B 89 1.65 6.75 2.49
N LEU B 90 1.67 6.17 3.68
CA LEU B 90 0.46 6.01 4.49
C LEU B 90 -0.11 7.35 4.95
N LYS B 91 0.75 8.30 5.32
CA LYS B 91 0.29 9.59 5.82
C LYS B 91 -0.49 10.40 4.80
N ARG B 92 -0.10 10.37 3.52
CA ARG B 92 -0.81 11.17 2.52
C ARG B 92 -2.25 10.71 2.36
N GLN B 93 -2.48 9.41 2.49
CA GLN B 93 -3.82 8.85 2.35
C GLN B 93 -4.64 8.96 3.62
N GLY B 94 -4.07 9.56 4.67
CA GLY B 94 -4.77 9.79 5.91
C GLY B 94 -4.69 8.64 6.89
N ARG B 95 -4.17 7.49 6.45
CA ARG B 95 -3.98 6.33 7.32
C ARG B 95 -2.62 6.46 8.02
N THR B 96 -2.56 7.44 8.92
CA THR B 96 -1.35 7.76 9.66
C THR B 96 -0.92 6.57 10.52
N LEU B 97 0.38 6.47 10.80
CA LEU B 97 0.94 5.34 11.54
C LEU B 97 2.01 5.86 12.48
N TYR B 98 1.84 5.58 13.77
CA TYR B 98 2.77 6.00 14.80
C TYR B 98 3.69 4.85 15.19
N GLY B 99 4.97 5.15 15.39
CA GLY B 99 5.91 4.17 15.90
C GLY B 99 7.06 3.82 14.98
N PHE B 100 7.22 4.47 13.82
CA PHE B 100 8.34 4.18 12.94
C PHE B 100 9.03 5.45 12.45
N GLY B 101 8.91 6.53 13.21
CA GLY B 101 9.47 7.81 12.81
C GLY B 101 8.39 8.82 12.48
N GLY B 102 8.74 10.10 12.64
CA GLY B 102 7.79 11.17 12.41
C GLY B 102 8.11 12.02 11.19
N ARG C 11 17.91 44.94 -26.51
CA ARG C 11 17.21 43.83 -25.87
C ARG C 11 16.18 43.23 -26.81
N ALA C 12 16.23 41.90 -26.97
CA ALA C 12 15.33 41.21 -27.88
C ALA C 12 13.89 41.25 -27.37
N LYS C 13 12.95 41.16 -28.31
CA LYS C 13 11.52 41.13 -28.02
C LYS C 13 11.17 40.07 -26.98
N ALA C 14 10.33 40.46 -26.02
CA ALA C 14 9.95 39.56 -24.93
C ALA C 14 9.13 38.39 -25.45
N LYS C 15 9.46 37.20 -24.96
CA LYS C 15 8.74 35.98 -25.28
C LYS C 15 8.30 35.32 -23.98
N THR C 16 7.00 35.02 -23.87
CA THR C 16 6.46 34.40 -22.68
C THR C 16 6.98 32.98 -22.53
N ARG C 17 7.17 32.57 -21.26
CA ARG C 17 7.64 31.23 -20.95
C ARG C 17 6.67 30.17 -21.45
N SER C 18 5.36 30.45 -21.40
CA SER C 18 4.36 29.52 -21.90
C SER C 18 4.52 29.27 -23.39
N SER C 19 4.83 30.33 -24.15
CA SER C 19 5.06 30.17 -25.59
C SER C 19 6.31 29.33 -25.86
N ARG C 20 7.36 29.53 -25.05
CA ARG C 20 8.56 28.72 -25.18
C ARG C 20 8.27 27.25 -24.88
N ALA C 21 7.46 26.99 -23.85
CA ALA C 21 7.08 25.63 -23.50
C ALA C 21 5.98 25.07 -24.39
N GLY C 22 5.36 25.90 -25.22
CA GLY C 22 4.23 25.48 -26.02
C GLY C 22 3.00 25.18 -25.19
N LEU C 23 2.71 26.04 -24.21
CA LEU C 23 1.58 25.84 -23.31
C LEU C 23 0.66 27.05 -23.38
N GLN C 24 -0.60 26.83 -23.00
CA GLN C 24 -1.54 27.93 -22.81
C GLN C 24 -1.57 28.43 -21.37
N PHE C 25 -1.27 27.57 -20.41
CA PHE C 25 -1.31 27.97 -19.01
C PHE C 25 -0.09 28.83 -18.68
N PRO C 26 -0.20 29.77 -17.72
CA PRO C 26 0.89 30.73 -17.49
C PRO C 26 2.01 30.13 -16.67
N VAL C 27 3.16 29.92 -17.31
CA VAL C 27 4.32 29.41 -16.60
C VAL C 27 4.84 30.43 -15.60
N GLY C 28 4.82 31.71 -15.97
CA GLY C 28 5.30 32.75 -15.08
C GLY C 28 4.44 32.93 -13.84
N ARG C 29 3.11 32.88 -14.01
CA ARG C 29 2.22 33.02 -12.86
C ARG C 29 2.32 31.81 -11.94
N VAL C 30 2.43 30.61 -12.51
CA VAL C 30 2.63 29.41 -11.70
C VAL C 30 3.96 29.48 -10.95
N HIS C 31 4.99 30.02 -11.59
CA HIS C 31 6.28 30.19 -10.94
C HIS C 31 6.20 31.18 -9.79
N ARG C 32 5.52 32.31 -9.99
CA ARG C 32 5.38 33.29 -8.92
C ARG C 32 4.55 32.73 -7.77
N LEU C 33 3.52 31.93 -8.09
CA LEU C 33 2.69 31.34 -7.04
C LEU C 33 3.45 30.27 -6.26
N LEU C 34 4.31 29.52 -6.94
CA LEU C 34 5.17 28.56 -6.26
C LEU C 34 6.18 29.27 -5.37
N ARG C 35 6.70 30.42 -5.81
CA ARG C 35 7.68 31.14 -5.02
C ARG C 35 7.03 31.80 -3.80
N LYS C 36 5.83 32.36 -3.97
CA LYS C 36 5.13 33.03 -2.90
C LYS C 36 4.30 32.08 -2.03
N GLY C 37 4.09 30.85 -2.48
CA GLY C 37 3.24 29.91 -1.77
C GLY C 37 3.86 29.30 -0.53
N ASN C 38 5.13 29.61 -0.24
CA ASN C 38 5.87 29.08 0.90
C ASN C 38 5.96 27.55 0.84
N TYR C 39 6.43 27.04 -0.30
CA TYR C 39 6.63 25.61 -0.47
C TYR C 39 8.08 25.19 -0.32
N ALA C 40 9.02 26.03 -0.76
CA ALA C 40 10.44 25.82 -0.56
C ALA C 40 11.13 27.15 -0.69
N GLU C 41 12.38 27.21 -0.20
CA GLU C 41 13.12 28.46 -0.32
C GLU C 41 13.53 28.73 -1.77
N ARG C 42 13.65 27.68 -2.58
CA ARG C 42 13.98 27.83 -3.99
C ARG C 42 13.04 26.99 -4.85
N VAL C 43 12.85 27.42 -6.09
CA VAL C 43 11.98 26.76 -7.06
C VAL C 43 12.74 26.63 -8.37
N GLY C 44 12.82 25.41 -8.89
CA GLY C 44 13.52 25.15 -10.13
C GLY C 44 12.87 25.85 -11.32
N ALA C 45 13.62 25.86 -12.43
CA ALA C 45 13.14 26.52 -13.65
C ALA C 45 12.13 25.66 -14.40
N GLY C 46 12.33 24.36 -14.44
CA GLY C 46 11.40 23.49 -15.11
C GLY C 46 10.20 23.05 -14.30
N ALA C 47 10.16 23.41 -13.01
CA ALA C 47 9.01 23.03 -12.19
C ALA C 47 7.74 23.77 -12.57
N PRO C 48 7.70 25.09 -12.77
CA PRO C 48 6.45 25.69 -13.26
C PRO C 48 6.09 25.27 -14.67
N VAL C 49 7.06 24.95 -15.52
CA VAL C 49 6.77 24.42 -16.85
C VAL C 49 6.05 23.09 -16.74
N TYR C 50 6.60 22.18 -15.93
CA TYR C 50 6.01 20.87 -15.72
C TYR C 50 4.62 20.99 -15.12
N LEU C 51 4.47 21.86 -14.12
CA LEU C 51 3.19 22.00 -13.43
C LEU C 51 2.14 22.64 -14.35
N ALA C 52 2.52 23.63 -15.14
CA ALA C 52 1.58 24.23 -16.08
C ALA C 52 1.15 23.23 -17.15
N ALA C 53 2.08 22.36 -17.58
CA ALA C 53 1.71 21.32 -18.53
C ALA C 53 0.73 20.33 -17.92
N VAL C 54 0.93 19.97 -16.65
CA VAL C 54 0.02 19.03 -15.98
C VAL C 54 -1.36 19.65 -15.79
N LEU C 55 -1.39 20.93 -15.39
CA LEU C 55 -2.67 21.62 -15.21
C LEU C 55 -3.40 21.76 -16.53
N GLU C 56 -2.68 22.09 -17.61
CA GLU C 56 -3.29 22.17 -18.92
C GLU C 56 -3.83 20.82 -19.39
N TYR C 57 -3.10 19.74 -19.11
CA TYR C 57 -3.59 18.41 -19.50
C TYR C 57 -4.87 18.04 -18.75
N LEU C 58 -4.90 18.28 -17.43
CA LEU C 58 -6.09 17.93 -16.65
C LEU C 58 -7.29 18.79 -17.06
N THR C 59 -7.03 20.09 -17.32
CA THR C 59 -8.06 20.96 -17.85
C THR C 59 -8.58 20.48 -19.20
N ALA C 60 -7.68 20.04 -20.07
CA ALA C 60 -8.08 19.54 -21.39
C ALA C 60 -8.92 18.28 -21.27
N GLU C 61 -8.55 17.38 -20.36
CA GLU C 61 -9.33 16.15 -20.16
C GLU C 61 -10.74 16.46 -19.68
N ILE C 62 -10.86 17.24 -18.61
CA ILE C 62 -12.20 17.55 -18.08
C ILE C 62 -13.00 18.36 -19.09
N LEU C 63 -12.37 19.30 -19.79
CA LEU C 63 -13.11 20.14 -20.74
C LEU C 63 -13.55 19.34 -21.96
N GLU C 64 -12.74 18.39 -22.42
CA GLU C 64 -13.15 17.52 -23.53
C GLU C 64 -14.33 16.65 -23.12
N LEU C 65 -14.24 16.03 -21.93
CA LEU C 65 -15.36 15.20 -21.47
C LEU C 65 -16.61 16.03 -21.21
N ALA C 66 -16.46 17.26 -20.72
CA ALA C 66 -17.60 18.12 -20.45
C ALA C 66 -18.22 18.61 -21.74
N GLY C 67 -17.41 18.89 -22.77
CA GLY C 67 -17.95 19.23 -24.07
C GLY C 67 -18.69 18.07 -24.70
N ASN C 68 -18.18 16.85 -24.50
CA ASN C 68 -18.90 15.66 -24.95
C ASN C 68 -20.24 15.52 -24.24
N ALA C 69 -20.26 15.74 -22.93
CA ALA C 69 -21.51 15.68 -22.17
C ALA C 69 -22.48 16.77 -22.60
N ALA C 70 -21.97 17.96 -22.92
CA ALA C 70 -22.82 19.06 -23.36
C ALA C 70 -23.39 18.78 -24.75
N ARG C 71 -22.60 18.13 -25.61
CA ARG C 71 -23.13 17.66 -26.89
C ARG C 71 -24.22 16.62 -26.68
N ASP C 72 -24.02 15.72 -25.71
CA ASP C 72 -25.03 14.69 -25.43
C ASP C 72 -26.33 15.29 -24.94
N ASN C 73 -26.29 16.45 -24.31
CA ASN C 73 -27.49 17.17 -23.89
C ASN C 73 -27.90 18.24 -24.90
N LYS C 74 -27.35 18.20 -26.12
CA LYS C 74 -27.68 19.13 -27.22
C LYS C 74 -27.44 20.58 -26.82
N LYS C 75 -26.34 20.84 -26.12
CA LYS C 75 -25.98 22.17 -25.68
C LYS C 75 -24.61 22.55 -26.22
N THR C 76 -24.36 23.85 -26.30
CA THR C 76 -23.06 24.36 -26.71
C THR C 76 -22.34 25.13 -25.61
N ARG C 77 -22.93 25.24 -24.42
CA ARG C 77 -22.25 25.81 -23.26
C ARG C 77 -22.03 24.72 -22.22
N ILE C 78 -20.92 24.79 -21.52
CA ILE C 78 -20.63 23.89 -20.42
C ILE C 78 -21.20 24.50 -19.15
N ILE C 79 -22.05 23.74 -18.46
CA ILE C 79 -22.67 24.16 -17.21
C ILE C 79 -22.12 23.25 -16.13
N PRO C 80 -22.29 23.55 -14.83
CA PRO C 80 -21.84 22.63 -13.77
C PRO C 80 -22.34 21.20 -13.89
N ARG C 81 -23.55 20.99 -14.44
CA ARG C 81 -24.07 19.65 -14.64
C ARG C 81 -23.17 18.85 -15.59
N HIS C 82 -22.67 19.51 -16.65
CA HIS C 82 -21.83 18.79 -17.61
C HIS C 82 -20.47 18.44 -17.00
N LEU C 83 -19.92 19.33 -16.17
CA LEU C 83 -18.69 19.02 -15.46
C LEU C 83 -18.89 17.86 -14.49
N GLN C 84 -20.02 17.85 -13.78
CA GLN C 84 -20.32 16.76 -12.86
C GLN C 84 -20.45 15.43 -13.60
N LEU C 85 -21.17 15.43 -14.73
CA LEU C 85 -21.31 14.21 -15.51
C LEU C 85 -19.96 13.74 -16.05
N ALA C 86 -19.14 14.68 -16.55
CA ALA C 86 -17.82 14.35 -17.06
C ALA C 86 -16.92 13.76 -15.98
N VAL C 87 -16.97 14.32 -14.77
CA VAL C 87 -16.10 13.84 -13.70
C VAL C 87 -16.58 12.48 -13.18
N ARG C 88 -17.85 12.40 -12.77
CA ARG C 88 -18.37 11.17 -12.18
C ARG C 88 -18.51 10.04 -13.18
N ASN C 89 -18.54 10.32 -14.49
CA ASN C 89 -18.64 9.25 -15.47
C ASN C 89 -17.30 8.63 -15.82
N ASP C 90 -16.20 9.35 -15.60
CA ASP C 90 -14.86 8.79 -15.80
C ASP C 90 -14.39 8.28 -14.45
N GLU C 91 -13.90 7.03 -14.43
CA GLU C 91 -13.53 6.41 -13.16
C GLU C 91 -12.30 7.08 -12.55
N GLU C 92 -11.27 7.34 -13.36
CA GLU C 92 -10.02 7.91 -12.86
C GLU C 92 -10.24 9.32 -12.30
N LEU C 93 -11.04 10.13 -13.01
CA LEU C 93 -11.28 11.49 -12.55
C LEU C 93 -12.15 11.49 -11.30
N ASN C 94 -13.08 10.54 -11.21
CA ASN C 94 -13.90 10.40 -10.02
C ASN C 94 -13.07 9.96 -8.83
N LYS C 95 -12.04 9.14 -9.08
CA LYS C 95 -11.08 8.82 -8.02
C LYS C 95 -10.31 10.06 -7.59
N LEU C 96 -9.87 10.87 -8.57
CA LEU C 96 -9.10 12.08 -8.25
C LEU C 96 -9.96 13.11 -7.50
N LEU C 97 -11.24 13.20 -7.84
CA LEU C 97 -12.16 14.16 -7.23
C LEU C 97 -13.22 13.47 -6.39
N GLY C 98 -12.82 12.43 -5.66
CA GLY C 98 -13.77 11.69 -4.84
C GLY C 98 -14.32 12.49 -3.68
N ARG C 99 -13.45 13.20 -2.97
CA ARG C 99 -13.85 14.04 -1.85
C ARG C 99 -14.33 15.42 -2.28
N VAL C 100 -14.49 15.67 -3.57
CA VAL C 100 -14.79 16.99 -4.11
C VAL C 100 -16.28 17.09 -4.36
N THR C 101 -16.88 18.20 -3.96
CA THR C 101 -18.28 18.51 -4.25
C THR C 101 -18.35 19.59 -5.33
N ILE C 102 -19.08 19.30 -6.40
CA ILE C 102 -19.27 20.24 -7.50
C ILE C 102 -20.63 20.91 -7.34
N ALA C 103 -20.62 22.23 -7.14
CA ALA C 103 -21.85 22.97 -6.88
C ALA C 103 -22.72 23.01 -8.13
N GLN C 104 -24.04 22.86 -7.93
CA GLN C 104 -25.04 22.81 -9.00
C GLN C 104 -24.73 21.71 -10.02
N GLY C 105 -24.15 20.61 -9.55
CA GLY C 105 -23.75 19.55 -10.44
C GLY C 105 -24.74 18.40 -10.49
N GLY C 106 -25.55 18.27 -9.44
CA GLY C 106 -26.45 17.15 -9.40
C GLY C 106 -25.70 15.87 -9.11
N VAL C 107 -26.35 14.75 -9.41
CA VAL C 107 -25.78 13.42 -9.20
C VAL C 107 -25.90 12.63 -10.49
N LEU C 108 -25.27 11.47 -10.50
CA LEU C 108 -25.42 10.56 -11.64
C LEU C 108 -26.77 9.87 -11.59
N PRO C 109 -27.46 9.78 -12.73
CA PRO C 109 -28.69 8.97 -12.78
C PRO C 109 -28.38 7.50 -12.50
N ASN C 110 -28.86 7.01 -11.36
CA ASN C 110 -28.52 5.64 -10.93
C ASN C 110 -29.61 5.17 -9.99
N ILE C 111 -30.35 4.14 -10.41
CA ILE C 111 -31.38 3.51 -9.59
C ILE C 111 -30.97 2.07 -9.37
N GLN C 112 -31.05 1.62 -8.11
CA GLN C 112 -30.74 0.23 -7.81
C GLN C 112 -31.78 -0.69 -8.44
N SER C 113 -31.30 -1.83 -8.96
CA SER C 113 -32.16 -2.74 -9.72
C SER C 113 -33.24 -3.40 -8.87
N VAL C 114 -33.06 -3.47 -7.55
CA VAL C 114 -34.08 -4.03 -6.68
C VAL C 114 -35.33 -3.14 -6.64
N LEU C 115 -35.15 -1.83 -6.81
CA LEU C 115 -36.27 -0.91 -6.67
C LEU C 115 -37.14 -0.84 -7.92
N LEU C 116 -36.64 -1.30 -9.06
CA LEU C 116 -37.44 -1.30 -10.27
C LEU C 116 -38.62 -2.24 -10.13
N PRO C 117 -39.74 -1.97 -10.79
CA PRO C 117 -40.90 -2.86 -10.70
C PRO C 117 -40.65 -4.17 -11.41
N LYS C 118 -41.58 -5.10 -11.21
CA LYS C 118 -41.47 -6.48 -11.67
C LYS C 118 -42.77 -6.89 -12.36
N LYS C 119 -42.70 -7.99 -13.09
CA LYS C 119 -43.87 -8.55 -13.78
C LYS C 119 -44.35 -9.81 -13.09
N ARG D 26 -13.96 53.90 -7.01
CA ARG D 26 -12.61 53.67 -7.51
C ARG D 26 -12.61 52.58 -8.57
N ARG D 27 -11.43 52.04 -8.86
CA ARG D 27 -11.27 50.89 -9.74
C ARG D 27 -10.95 49.67 -8.90
N LYS D 28 -11.72 48.60 -9.09
CA LYS D 28 -11.49 47.35 -8.37
C LYS D 28 -10.11 46.78 -8.66
N THR D 29 -9.41 46.38 -7.61
CA THR D 29 -8.09 45.77 -7.75
C THR D 29 -8.20 44.45 -8.49
N ARG D 30 -7.14 44.11 -9.21
CA ARG D 30 -7.13 42.92 -10.06
C ARG D 30 -7.27 41.63 -9.25
N LYS D 31 -8.16 40.73 -9.71
CA LYS D 31 -8.35 39.41 -9.13
C LYS D 31 -8.00 38.38 -10.19
N GLU D 32 -6.78 37.85 -10.13
CA GLU D 32 -6.30 36.93 -11.15
C GLU D 32 -7.09 35.63 -11.13
N SER D 33 -7.36 35.09 -12.32
CA SER D 33 -8.03 33.81 -12.44
C SER D 33 -7.52 33.09 -13.68
N TYR D 34 -7.74 31.78 -13.72
CA TYR D 34 -7.38 30.95 -14.86
C TYR D 34 -8.47 30.92 -15.93
N ALA D 35 -9.35 31.93 -15.94
CA ALA D 35 -10.51 31.92 -16.84
C ALA D 35 -10.08 31.93 -18.31
N ILE D 36 -9.13 32.79 -18.66
CA ILE D 36 -8.74 32.91 -20.06
C ILE D 36 -7.94 31.69 -20.51
N TYR D 37 -7.20 31.05 -19.60
CA TYR D 37 -6.42 29.89 -19.97
C TYR D 37 -7.31 28.66 -20.15
N VAL D 38 -8.28 28.50 -19.24
CA VAL D 38 -9.30 27.46 -19.40
C VAL D 38 -10.08 27.67 -20.70
N TYR D 39 -10.36 28.94 -21.05
CA TYR D 39 -11.09 29.22 -22.28
C TYR D 39 -10.25 28.90 -23.52
N LYS D 40 -8.95 29.18 -23.47
CA LYS D 40 -8.06 28.81 -24.57
C LYS D 40 -7.99 27.30 -24.75
N VAL D 41 -7.83 26.56 -23.65
CA VAL D 41 -7.79 25.11 -23.72
C VAL D 41 -9.13 24.56 -24.24
N LEU D 42 -10.24 25.20 -23.86
CA LEU D 42 -11.55 24.79 -24.33
C LEU D 42 -11.69 25.00 -25.83
N LYS D 43 -11.33 26.19 -26.32
CA LYS D 43 -11.32 26.45 -27.76
C LYS D 43 -10.35 25.54 -28.51
N GLN D 44 -9.36 24.97 -27.82
CA GLN D 44 -8.49 23.99 -28.48
C GLN D 44 -9.16 22.62 -28.58
N VAL D 45 -9.78 22.14 -27.49
CA VAL D 45 -10.35 20.80 -27.53
C VAL D 45 -11.75 20.82 -28.15
N HIS D 46 -12.52 21.87 -27.91
CA HIS D 46 -13.87 22.01 -28.46
C HIS D 46 -14.01 23.40 -29.04
N PRO D 47 -13.72 23.58 -30.34
CA PRO D 47 -13.64 24.94 -30.91
C PRO D 47 -14.96 25.70 -30.92
N ASP D 48 -16.10 25.02 -30.79
CA ASP D 48 -17.40 25.67 -30.89
C ASP D 48 -18.21 25.61 -29.60
N THR D 49 -17.69 24.97 -28.56
CA THR D 49 -18.41 24.83 -27.30
C THR D 49 -18.01 25.95 -26.35
N GLY D 50 -19.00 26.57 -25.71
CA GLY D 50 -18.76 27.61 -24.73
C GLY D 50 -18.76 27.08 -23.31
N ILE D 51 -18.79 28.01 -22.36
CA ILE D 51 -18.75 27.69 -20.94
C ILE D 51 -19.40 28.81 -20.14
N SER D 52 -20.27 28.43 -19.21
CA SER D 52 -20.92 29.39 -18.33
C SER D 52 -19.92 29.98 -17.33
N SER D 53 -20.38 30.98 -16.57
CA SER D 53 -19.52 31.59 -15.57
C SER D 53 -19.36 30.69 -14.34
N LYS D 54 -20.41 29.95 -13.97
CA LYS D 54 -20.31 29.06 -12.82
C LYS D 54 -19.41 27.87 -13.14
N ALA D 55 -19.48 27.36 -14.37
CA ALA D 55 -18.56 26.30 -14.79
C ALA D 55 -17.13 26.82 -14.86
N MET D 56 -16.94 28.08 -15.26
CA MET D 56 -15.60 28.68 -15.22
C MET D 56 -15.10 28.81 -13.79
N SER D 57 -15.98 29.13 -12.85
CA SER D 57 -15.56 29.21 -11.46
C SER D 57 -15.21 27.83 -10.92
N ILE D 58 -15.94 26.80 -11.35
CA ILE D 58 -15.63 25.43 -10.95
C ILE D 58 -14.28 24.99 -11.52
N MET D 59 -14.01 25.33 -12.78
CA MET D 59 -12.72 24.99 -13.37
C MET D 59 -11.58 25.75 -12.72
N ASN D 60 -11.82 27.01 -12.34
CA ASN D 60 -10.81 27.79 -11.61
C ASN D 60 -10.52 27.16 -10.25
N SER D 61 -11.57 26.75 -9.54
CA SER D 61 -11.40 26.05 -8.26
C SER D 61 -10.66 24.74 -8.44
N PHE D 62 -10.92 24.03 -9.55
CA PHE D 62 -10.24 22.76 -9.80
C PHE D 62 -8.77 22.96 -10.06
N VAL D 63 -8.42 23.99 -10.85
CA VAL D 63 -7.03 24.26 -11.15
C VAL D 63 -6.28 24.70 -9.89
N ASN D 64 -6.91 25.58 -9.09
CA ASN D 64 -6.31 25.99 -7.82
C ASN D 64 -6.13 24.81 -6.86
N ASP D 65 -7.12 23.90 -6.81
CA ASP D 65 -7.05 22.77 -5.89
C ASP D 65 -5.94 21.82 -6.31
N VAL D 66 -5.89 21.44 -7.60
CA VAL D 66 -4.85 20.52 -8.07
C VAL D 66 -3.48 21.17 -7.96
N PHE D 67 -3.40 22.49 -8.20
CA PHE D 67 -2.15 23.21 -8.02
C PHE D 67 -1.66 23.13 -6.58
N GLU D 68 -2.55 23.39 -5.62
CA GLU D 68 -2.09 23.38 -4.23
C GLU D 68 -1.82 21.96 -3.73
N ARG D 69 -2.51 20.96 -4.29
CA ARG D 69 -2.19 19.57 -3.96
C ARG D 69 -0.79 19.20 -4.44
N ILE D 70 -0.50 19.45 -5.73
CA ILE D 70 0.79 19.08 -6.30
C ILE D 70 1.90 19.88 -5.64
N ALA D 71 1.66 21.16 -5.36
CA ALA D 71 2.68 22.00 -4.75
C ALA D 71 2.94 21.61 -3.30
N GLY D 72 1.89 21.27 -2.55
CA GLY D 72 2.10 20.78 -1.19
C GLY D 72 2.81 19.45 -1.16
N GLU D 73 2.49 18.57 -2.11
CA GLU D 73 3.18 17.28 -2.18
C GLU D 73 4.64 17.45 -2.55
N ALA D 74 4.94 18.38 -3.47
CA ALA D 74 6.32 18.66 -3.82
C ALA D 74 7.09 19.32 -2.68
N SER D 75 6.42 20.18 -1.90
CA SER D 75 7.04 20.78 -0.73
C SER D 75 7.39 19.71 0.30
N ARG D 76 6.45 18.81 0.59
CA ARG D 76 6.71 17.73 1.54
C ARG D 76 7.78 16.78 1.00
N LEU D 77 7.77 16.56 -0.31
CA LEU D 77 8.77 15.70 -0.94
C LEU D 77 10.17 16.28 -0.83
N ALA D 78 10.31 17.58 -1.08
CA ALA D 78 11.61 18.23 -0.91
C ALA D 78 12.03 18.25 0.55
N HIS D 79 11.07 18.37 1.46
CA HIS D 79 11.41 18.38 2.88
C HIS D 79 11.83 17.00 3.39
N TYR D 80 11.26 15.93 2.82
CA TYR D 80 11.60 14.58 3.26
C TYR D 80 13.03 14.20 2.90
N ASN D 81 13.49 14.63 1.71
CA ASN D 81 14.83 14.28 1.25
C ASN D 81 15.87 15.34 1.60
N LYS D 82 15.57 16.21 2.57
CA LYS D 82 16.49 17.25 3.06
C LYS D 82 16.95 18.18 1.94
N ARG D 83 16.10 18.42 0.96
CA ARG D 83 16.40 19.31 -0.14
C ARG D 83 15.59 20.59 -0.02
N SER D 84 16.02 21.62 -0.75
CA SER D 84 15.44 22.95 -0.59
C SER D 84 14.98 23.57 -1.91
N THR D 85 14.93 22.78 -2.98
CA THR D 85 14.49 23.27 -4.28
C THR D 85 13.40 22.36 -4.80
N ILE D 86 12.33 22.94 -5.32
CA ILE D 86 11.28 22.20 -6.02
C ILE D 86 11.59 22.25 -7.51
N THR D 87 11.90 21.10 -8.09
CA THR D 87 12.27 20.97 -9.49
C THR D 87 11.20 20.17 -10.21
N SER D 88 11.46 19.91 -11.50
CA SER D 88 10.60 19.03 -12.28
C SER D 88 10.58 17.61 -11.73
N ARG D 89 11.67 17.18 -11.08
CA ARG D 89 11.72 15.88 -10.41
C ARG D 89 10.64 15.74 -9.35
N GLU D 90 10.55 16.71 -8.43
CA GLU D 90 9.55 16.64 -7.37
C GLU D 90 8.13 16.77 -7.91
N ILE D 91 7.92 17.64 -8.90
CA ILE D 91 6.59 17.80 -9.48
C ILE D 91 6.17 16.52 -10.21
N GLN D 92 7.12 15.87 -10.88
CA GLN D 92 6.86 14.61 -11.56
C GLN D 92 6.51 13.50 -10.58
N THR D 93 7.23 13.42 -9.47
CA THR D 93 6.93 12.40 -8.47
C THR D 93 5.60 12.68 -7.77
N ALA D 94 5.30 13.95 -7.53
CA ALA D 94 4.00 14.31 -6.95
C ALA D 94 2.85 14.01 -7.91
N VAL D 95 3.09 14.13 -9.21
CA VAL D 95 2.07 13.76 -10.19
C VAL D 95 1.86 12.25 -10.19
N ARG D 96 2.95 11.48 -10.13
CA ARG D 96 2.82 10.03 -9.95
C ARG D 96 2.10 9.65 -8.66
N LEU D 97 2.27 10.45 -7.60
CA LEU D 97 1.64 10.11 -6.34
C LEU D 97 0.14 10.43 -6.33
N LEU D 98 -0.23 11.66 -6.67
CA LEU D 98 -1.63 12.06 -6.53
C LEU D 98 -2.50 11.48 -7.64
N LEU D 99 -2.10 11.67 -8.88
CA LEU D 99 -2.92 11.31 -10.03
C LEU D 99 -3.02 9.79 -10.20
N PRO D 100 -4.16 9.30 -10.68
CA PRO D 100 -4.29 7.87 -10.99
C PRO D 100 -3.35 7.47 -12.11
N GLY D 101 -3.15 6.15 -12.23
CA GLY D 101 -2.05 5.62 -13.06
C GLY D 101 -2.06 6.08 -14.50
N GLU D 102 -3.21 5.96 -15.19
CA GLU D 102 -3.24 6.38 -16.59
C GLU D 102 -3.09 7.90 -16.69
N LEU D 103 -3.77 8.62 -15.78
CA LEU D 103 -3.68 10.07 -15.75
C LEU D 103 -2.26 10.50 -15.43
N ALA D 104 -1.62 9.82 -14.48
CA ALA D 104 -0.25 10.15 -14.11
C ALA D 104 0.68 9.92 -15.28
N LYS D 105 0.51 8.80 -16.01
CA LYS D 105 1.40 8.50 -17.12
C LYS D 105 1.26 9.54 -18.22
N HIS D 106 0.03 9.99 -18.49
CA HIS D 106 -0.12 10.95 -19.59
C HIS D 106 0.23 12.36 -19.15
N ALA D 107 0.10 12.66 -17.86
CA ALA D 107 0.49 13.98 -17.37
C ALA D 107 2.01 14.07 -17.31
N VAL D 108 2.66 12.98 -16.93
CA VAL D 108 4.12 12.93 -16.93
C VAL D 108 4.64 13.05 -18.35
N SER D 109 3.99 12.38 -19.31
CA SER D 109 4.40 12.52 -20.71
C SER D 109 4.26 13.95 -21.21
N GLU D 110 3.14 14.61 -20.90
CA GLU D 110 2.96 16.00 -21.33
C GLU D 110 3.96 16.94 -20.67
N GLY D 111 4.16 16.78 -19.35
CA GLY D 111 5.11 17.63 -18.65
C GLY D 111 6.54 17.43 -19.13
N THR D 112 6.93 16.17 -19.37
CA THR D 112 8.26 15.88 -19.88
C THR D 112 8.45 16.49 -21.27
N LYS D 113 7.44 16.35 -22.14
CA LYS D 113 7.51 16.95 -23.47
C LYS D 113 7.64 18.47 -23.39
N ALA D 114 6.89 19.10 -22.48
CA ALA D 114 6.93 20.55 -22.35
C ALA D 114 8.27 21.02 -21.80
N VAL D 115 8.79 20.33 -20.78
CA VAL D 115 10.08 20.71 -20.21
C VAL D 115 11.20 20.49 -21.23
N THR D 116 11.11 19.41 -22.02
CA THR D 116 12.08 19.16 -23.08
C THR D 116 12.05 20.27 -24.13
N LYS D 117 10.85 20.63 -24.61
CA LYS D 117 10.75 21.67 -25.62
C LYS D 117 11.18 23.03 -25.07
N TYR D 118 10.94 23.28 -23.78
CA TYR D 118 11.31 24.57 -23.19
C TYR D 118 12.82 24.65 -22.98
N THR D 119 13.45 23.53 -22.58
CA THR D 119 14.90 23.51 -22.42
C THR D 119 15.61 23.56 -23.76
N SER D 120 15.02 22.97 -24.80
CA SER D 120 15.58 23.04 -26.15
C SER D 120 15.65 24.49 -26.63
N ALA D 121 14.58 25.25 -26.44
CA ALA D 121 14.58 26.68 -26.71
C ALA D 121 15.30 27.42 -25.58
N LYS D 122 15.21 28.74 -25.60
CA LYS D 122 15.81 29.59 -24.56
C LYS D 122 15.19 29.30 -23.19
N LYS E 37 -64.33 4.80 -10.82
CA LYS E 37 -63.29 5.17 -9.86
C LYS E 37 -62.28 6.12 -10.50
N PRO E 38 -61.66 6.99 -9.69
CA PRO E 38 -60.59 7.84 -10.20
C PRO E 38 -59.36 7.02 -10.56
N HIS E 39 -58.44 7.66 -11.29
CA HIS E 39 -57.21 7.00 -11.66
C HIS E 39 -56.23 7.04 -10.49
N ARG E 40 -55.55 5.92 -10.26
CA ARG E 40 -54.59 5.79 -9.18
C ARG E 40 -53.33 5.12 -9.69
N TYR E 41 -52.19 5.50 -9.14
CA TYR E 41 -50.91 4.91 -9.46
C TYR E 41 -50.46 4.01 -8.33
N ARG E 42 -49.97 2.81 -8.68
CA ARG E 42 -49.57 1.83 -7.68
C ARG E 42 -48.41 2.38 -6.86
N PRO E 43 -48.34 2.09 -5.56
CA PRO E 43 -47.29 2.66 -4.70
C PRO E 43 -45.89 2.35 -5.19
N GLY E 44 -45.04 3.38 -5.21
CA GLY E 44 -43.67 3.28 -5.66
C GLY E 44 -43.45 3.69 -7.10
N THR E 45 -44.51 3.78 -7.91
CA THR E 45 -44.36 4.29 -9.27
C THR E 45 -44.01 5.76 -9.27
N VAL E 46 -44.69 6.54 -8.42
CA VAL E 46 -44.44 7.97 -8.39
C VAL E 46 -43.15 8.23 -7.65
N ALA E 47 -42.82 7.39 -6.65
CA ALA E 47 -41.55 7.53 -5.95
C ALA E 47 -40.38 7.37 -6.91
N LEU E 48 -40.46 6.38 -7.80
CA LEU E 48 -39.45 6.18 -8.83
C LEU E 48 -39.43 7.33 -9.82
N ARG E 49 -40.61 7.86 -10.17
CA ARG E 49 -40.65 9.02 -11.07
C ARG E 49 -39.96 10.23 -10.46
N GLU E 50 -40.17 10.46 -9.15
CA GLU E 50 -39.46 11.53 -8.45
C GLU E 50 -37.95 11.24 -8.39
N ILE E 51 -37.57 9.98 -8.20
CA ILE E 51 -36.15 9.62 -8.19
C ILE E 51 -35.50 10.03 -9.50
N ARG E 52 -36.12 9.63 -10.62
CA ARG E 52 -35.58 9.99 -11.94
C ARG E 52 -35.59 11.50 -12.16
N ARG E 53 -36.66 12.19 -11.75
CA ARG E 53 -36.77 13.62 -11.97
C ARG E 53 -35.72 14.40 -11.19
N TYR E 54 -35.55 14.09 -9.89
CA TYR E 54 -34.59 14.85 -9.10
C TYR E 54 -33.15 14.40 -9.33
N GLN E 55 -32.93 13.17 -9.82
CA GLN E 55 -31.59 12.81 -10.25
C GLN E 55 -31.24 13.41 -11.60
N LYS E 56 -32.24 13.76 -12.41
CA LYS E 56 -31.99 14.40 -13.69
C LYS E 56 -31.68 15.88 -13.53
N SER E 57 -32.21 16.52 -12.49
CA SER E 57 -32.13 17.97 -12.34
C SER E 57 -31.00 18.35 -11.38
N THR E 58 -30.75 19.67 -11.27
CA THR E 58 -29.69 20.17 -10.42
C THR E 58 -30.06 21.27 -9.43
N GLU E 59 -31.32 21.72 -9.37
CA GLU E 59 -31.68 22.78 -8.44
C GLU E 59 -31.51 22.33 -6.99
N LEU E 60 -31.45 23.32 -6.09
CA LEU E 60 -31.40 23.03 -4.68
C LEU E 60 -32.77 22.56 -4.19
N LEU E 61 -32.77 21.52 -3.36
CA LEU E 61 -33.99 20.86 -2.94
C LEU E 61 -34.53 21.34 -1.61
N ILE E 62 -33.76 22.14 -0.87
CA ILE E 62 -34.21 22.77 0.35
C ILE E 62 -34.54 24.23 0.06
N ARG E 63 -35.67 24.71 0.59
CA ARG E 63 -36.02 26.10 0.43
C ARG E 63 -34.99 27.00 1.12
N LYS E 64 -34.71 28.14 0.51
CA LYS E 64 -33.50 28.89 0.89
C LYS E 64 -33.70 29.72 2.14
N LEU E 65 -34.89 30.26 2.38
CA LEU E 65 -35.15 30.99 3.62
C LEU E 65 -35.18 30.12 4.88
N PRO E 66 -35.83 28.93 4.89
CA PRO E 66 -35.67 28.06 6.08
C PRO E 66 -34.24 27.65 6.36
N PHE E 67 -33.48 27.27 5.32
CA PHE E 67 -32.09 26.89 5.52
C PHE E 67 -31.26 28.07 6.00
N GLN E 68 -31.55 29.27 5.49
CA GLN E 68 -30.83 30.47 5.91
C GLN E 68 -31.11 30.78 7.37
N ARG E 69 -32.38 30.68 7.78
CA ARG E 69 -32.74 30.89 9.18
C ARG E 69 -32.09 29.87 10.09
N LEU E 70 -32.00 28.61 9.64
CA LEU E 70 -31.33 27.58 10.41
C LEU E 70 -29.84 27.89 10.55
N VAL E 71 -29.20 28.32 9.46
CA VAL E 71 -27.79 28.68 9.50
C VAL E 71 -27.55 29.82 10.49
N ARG E 72 -28.41 30.85 10.46
CA ARG E 72 -28.20 31.97 11.37
C ARG E 72 -28.48 31.61 12.83
N GLU E 73 -29.50 30.78 13.11
CA GLU E 73 -29.70 30.33 14.50
C GLU E 73 -28.50 29.54 15.00
N ILE E 74 -27.95 28.65 14.16
CA ILE E 74 -26.80 27.86 14.57
C ILE E 74 -25.59 28.76 14.80
N ALA E 75 -25.39 29.76 13.93
CA ALA E 75 -24.28 30.68 14.09
C ALA E 75 -24.44 31.60 15.30
N GLN E 76 -25.68 31.80 15.80
CA GLN E 76 -25.87 32.54 17.05
C GLN E 76 -25.20 31.87 18.25
N ASP E 77 -24.87 30.58 18.16
CA ASP E 77 -24.25 29.90 19.30
C ASP E 77 -22.75 30.10 19.35
N PHE E 78 -22.14 30.52 18.23
CA PHE E 78 -20.70 30.72 18.17
C PHE E 78 -20.32 32.18 18.38
N LYS E 79 -20.80 33.07 17.51
CA LYS E 79 -20.62 34.50 17.68
C LYS E 79 -21.95 35.21 17.48
N THR E 80 -22.27 36.13 18.39
CA THR E 80 -23.49 36.93 18.28
C THR E 80 -23.31 38.04 17.24
N ASP E 81 -24.45 38.48 16.69
CA ASP E 81 -24.52 39.60 15.73
C ASP E 81 -23.72 39.32 14.46
N LEU E 82 -23.69 38.05 14.05
CA LEU E 82 -23.02 37.66 12.82
C LEU E 82 -23.84 38.02 11.60
N ARG E 83 -23.15 38.33 10.51
CA ARG E 83 -23.76 38.59 9.22
C ARG E 83 -23.23 37.57 8.21
N PHE E 84 -24.07 37.20 7.25
CA PHE E 84 -23.71 36.16 6.29
C PHE E 84 -23.78 36.68 4.86
N GLN E 85 -22.71 36.46 4.11
CA GLN E 85 -22.73 36.75 2.69
C GLN E 85 -23.68 35.78 1.99
N SER E 86 -24.33 36.26 0.92
CA SER E 86 -25.30 35.43 0.23
C SER E 86 -24.65 34.18 -0.36
N SER E 87 -23.46 34.34 -0.94
CA SER E 87 -22.75 33.21 -1.52
C SER E 87 -22.29 32.23 -0.45
N ALA E 88 -22.09 32.70 0.78
CA ALA E 88 -21.72 31.82 1.88
C ALA E 88 -22.87 30.88 2.23
N VAL E 89 -24.08 31.43 2.35
CA VAL E 89 -25.25 30.59 2.60
C VAL E 89 -25.52 29.67 1.43
N MET E 90 -25.27 30.13 0.20
CA MET E 90 -25.45 29.26 -0.96
C MET E 90 -24.45 28.11 -0.95
N ALA E 91 -23.19 28.39 -0.58
CA ALA E 91 -22.18 27.34 -0.50
C ALA E 91 -22.50 26.35 0.62
N LEU E 92 -22.97 26.86 1.76
CA LEU E 92 -23.42 26.01 2.85
C LEU E 92 -24.57 25.11 2.41
N GLN E 93 -25.48 25.64 1.58
CA GLN E 93 -26.62 24.85 1.16
C GLN E 93 -26.21 23.78 0.15
N GLU E 94 -25.32 24.12 -0.80
CA GLU E 94 -24.82 23.11 -1.72
C GLU E 94 -24.08 22.00 -0.98
N ALA E 95 -23.23 22.36 -0.02
CA ALA E 95 -22.49 21.35 0.74
C ALA E 95 -23.44 20.48 1.56
N SER E 96 -24.43 21.10 2.21
CA SER E 96 -25.37 20.35 3.03
C SER E 96 -26.22 19.40 2.20
N GLU E 97 -26.69 19.86 1.03
CA GLU E 97 -27.50 18.99 0.18
C GLU E 97 -26.68 17.86 -0.41
N ALA E 98 -25.43 18.13 -0.80
CA ALA E 98 -24.58 17.06 -1.31
C ALA E 98 -24.26 16.04 -0.23
N TYR E 99 -24.01 16.51 1.00
CA TYR E 99 -23.77 15.62 2.13
C TYR E 99 -24.99 14.75 2.42
N LEU E 100 -26.17 15.36 2.44
CA LEU E 100 -27.39 14.60 2.71
C LEU E 100 -27.71 13.63 1.58
N VAL E 101 -27.42 14.00 0.34
CA VAL E 101 -27.70 13.10 -0.78
C VAL E 101 -26.76 11.91 -0.76
N ALA E 102 -25.46 12.13 -0.52
CA ALA E 102 -24.52 11.02 -0.39
C ALA E 102 -24.87 10.14 0.81
N LEU E 103 -25.33 10.76 1.91
CA LEU E 103 -25.75 9.99 3.07
C LEU E 103 -26.97 9.13 2.75
N PHE E 104 -27.91 9.67 1.96
CA PHE E 104 -29.08 8.88 1.60
C PHE E 104 -28.74 7.79 0.59
N GLU E 105 -27.72 7.99 -0.24
CA GLU E 105 -27.24 6.91 -1.09
C GLU E 105 -26.67 5.77 -0.26
N ASP E 106 -25.81 6.10 0.72
CA ASP E 106 -25.25 5.07 1.60
C ASP E 106 -26.34 4.40 2.44
N THR E 107 -27.32 5.20 2.90
CA THR E 107 -28.44 4.68 3.66
C THR E 107 -29.28 3.72 2.83
N ASN E 108 -29.54 4.06 1.57
CA ASN E 108 -30.28 3.18 0.68
C ASN E 108 -29.51 1.91 0.41
N LEU E 109 -28.20 2.02 0.21
CA LEU E 109 -27.37 0.83 -0.05
C LEU E 109 -27.37 -0.12 1.14
N CYS E 110 -27.22 0.40 2.35
CA CYS E 110 -27.23 -0.47 3.52
C CYS E 110 -28.62 -0.92 3.92
N ALA E 111 -29.67 -0.23 3.46
CA ALA E 111 -31.02 -0.75 3.63
C ALA E 111 -31.28 -1.93 2.69
N ILE E 112 -30.89 -1.79 1.42
CA ILE E 112 -30.98 -2.88 0.46
C ILE E 112 -30.11 -4.07 0.88
N HIS E 113 -29.01 -3.78 1.58
CA HIS E 113 -28.15 -4.86 2.10
C HIS E 113 -28.91 -5.75 3.07
N ALA E 114 -29.82 -5.16 3.86
CA ALA E 114 -30.66 -5.90 4.79
C ALA E 114 -31.91 -6.48 4.13
N LYS E 115 -31.90 -6.61 2.79
CA LYS E 115 -33.02 -7.10 1.99
C LYS E 115 -34.29 -6.30 2.22
N ARG E 116 -34.14 -4.99 2.32
CA ARG E 116 -35.25 -4.07 2.56
C ARG E 116 -35.31 -3.01 1.47
N VAL E 117 -36.40 -2.23 1.51
CA VAL E 117 -36.57 -1.07 0.65
C VAL E 117 -36.74 0.21 1.46
N THR E 118 -37.50 0.16 2.55
CA THR E 118 -37.74 1.33 3.39
C THR E 118 -36.52 1.58 4.28
N ILE E 119 -36.03 2.82 4.25
CA ILE E 119 -34.92 3.22 5.11
C ILE E 119 -35.44 3.65 6.47
N MET E 120 -34.87 3.09 7.53
CA MET E 120 -35.10 3.52 8.90
C MET E 120 -33.87 4.27 9.43
N PRO E 121 -34.00 4.98 10.57
CA PRO E 121 -32.81 5.66 11.13
C PRO E 121 -31.63 4.75 11.48
N LYS E 122 -31.85 3.47 11.78
CA LYS E 122 -30.71 2.59 12.02
C LYS E 122 -29.85 2.42 10.78
N ASP E 123 -30.44 2.56 9.58
CA ASP E 123 -29.65 2.57 8.36
C ASP E 123 -28.73 3.80 8.29
N ILE E 124 -29.28 4.98 8.62
CA ILE E 124 -28.48 6.20 8.69
C ILE E 124 -27.37 6.05 9.72
N GLN E 125 -27.69 5.48 10.88
CA GLN E 125 -26.69 5.32 11.94
C GLN E 125 -25.60 4.34 11.52
N LEU E 126 -25.96 3.28 10.79
CA LEU E 126 -24.95 2.37 10.26
C LEU E 126 -24.05 3.07 9.26
N ALA E 127 -24.64 3.86 8.36
CA ALA E 127 -23.83 4.56 7.36
C ALA E 127 -22.89 5.55 8.00
N ARG E 128 -23.36 6.29 9.02
CA ARG E 128 -22.51 7.26 9.69
C ARG E 128 -21.45 6.57 10.54
N ARG E 129 -21.75 5.38 11.04
CA ARG E 129 -20.76 4.65 11.82
C ARG E 129 -19.64 4.14 10.92
N ILE E 130 -20.02 3.53 9.78
CA ILE E 130 -19.02 3.00 8.85
C ILE E 130 -18.16 4.13 8.28
N ARG E 131 -18.75 5.30 8.00
CA ARG E 131 -17.94 6.39 7.44
C ARG E 131 -17.01 7.03 8.47
N GLY E 132 -17.13 6.68 9.75
CA GLY E 132 -16.32 7.31 10.77
C GLY E 132 -16.81 8.68 11.18
N GLU E 133 -18.12 8.80 11.39
CA GLU E 133 -18.73 10.04 11.84
C GLU E 133 -19.37 9.93 13.22
N ARG E 134 -19.32 8.75 13.85
CA ARG E 134 -19.89 8.57 15.18
C ARG E 134 -18.82 8.06 16.14
N ARG F 23 -34.79 26.98 17.67
CA ARG F 23 -36.16 27.41 17.40
C ARG F 23 -36.85 26.47 16.43
N ASP F 24 -37.97 26.93 15.85
CA ASP F 24 -38.72 26.20 14.84
C ASP F 24 -37.99 26.11 13.49
N ASN F 25 -36.81 26.71 13.35
CA ASN F 25 -36.16 26.78 12.04
C ASN F 25 -35.67 25.42 11.58
N ILE F 26 -35.34 24.52 12.51
CA ILE F 26 -34.93 23.17 12.12
C ILE F 26 -36.11 22.41 11.54
N GLN F 27 -37.34 22.76 11.96
CA GLN F 27 -38.53 22.20 11.31
C GLN F 27 -38.74 22.79 9.93
N GLY F 28 -38.05 23.90 9.60
CA GLY F 28 -38.05 24.44 8.26
C GLY F 28 -37.45 23.52 7.23
N ILE F 29 -36.64 22.55 7.65
CA ILE F 29 -36.21 21.50 6.75
C ILE F 29 -37.35 20.50 6.70
N THR F 30 -38.30 20.75 5.81
CA THR F 30 -39.60 20.11 5.83
C THR F 30 -39.51 18.63 5.42
N LYS F 31 -40.60 17.92 5.70
CA LYS F 31 -40.74 16.55 5.21
C LYS F 31 -40.65 16.41 3.69
N PRO F 32 -41.27 17.26 2.85
CA PRO F 32 -41.01 17.15 1.41
C PRO F 32 -39.58 17.44 1.00
N ALA F 33 -38.89 18.36 1.67
CA ALA F 33 -37.50 18.66 1.30
C ALA F 33 -36.58 17.47 1.59
N ILE F 34 -36.76 16.83 2.75
CA ILE F 34 -35.99 15.64 3.07
C ILE F 34 -36.37 14.50 2.12
N ARG F 35 -37.65 14.42 1.74
CA ARG F 35 -38.07 13.42 0.78
C ARG F 35 -37.43 13.63 -0.58
N ARG F 36 -37.31 14.90 -1.01
CA ARG F 36 -36.64 15.21 -2.28
C ARG F 36 -35.16 14.88 -2.24
N LEU F 37 -34.51 15.18 -1.11
CA LEU F 37 -33.11 14.82 -0.94
C LEU F 37 -32.91 13.32 -0.99
N ALA F 38 -33.85 12.56 -0.41
CA ALA F 38 -33.78 11.11 -0.50
C ALA F 38 -34.04 10.62 -1.92
N ARG F 39 -34.94 11.28 -2.65
CA ARG F 39 -35.20 10.92 -4.04
C ARG F 39 -33.97 11.11 -4.91
N ARG F 40 -33.26 12.23 -4.71
CA ARG F 40 -31.99 12.42 -5.41
C ARG F 40 -30.97 11.36 -4.99
N GLY F 41 -31.01 10.92 -3.73
CA GLY F 41 -30.17 9.83 -3.29
C GLY F 41 -30.61 8.45 -3.75
N GLY F 42 -31.77 8.34 -4.40
CA GLY F 42 -32.22 7.07 -4.91
C GLY F 42 -33.09 6.26 -3.99
N VAL F 43 -33.76 6.89 -3.02
CA VAL F 43 -34.54 6.19 -2.01
C VAL F 43 -35.99 6.10 -2.48
N LYS F 44 -36.56 4.90 -2.41
CA LYS F 44 -37.93 4.66 -2.87
C LYS F 44 -38.97 4.74 -1.75
N ARG F 45 -38.62 4.34 -0.53
CA ARG F 45 -39.55 4.41 0.60
C ARG F 45 -38.84 4.97 1.81
N ILE F 46 -39.49 5.90 2.50
CA ILE F 46 -38.91 6.62 3.62
C ILE F 46 -39.78 6.42 4.86
N SER F 47 -39.18 5.96 5.95
CA SER F 47 -39.89 5.82 7.21
C SER F 47 -40.13 7.20 7.83
N GLY F 48 -41.16 7.27 8.68
CA GLY F 48 -41.53 8.52 9.34
C GLY F 48 -40.47 9.10 10.26
N LEU F 49 -39.49 8.32 10.68
CA LEU F 49 -38.47 8.81 11.61
C LEU F 49 -37.20 9.26 10.91
N ILE F 50 -37.10 9.03 9.60
CA ILE F 50 -35.96 9.50 8.81
C ILE F 50 -35.91 11.02 8.83
N TYR F 51 -37.06 11.67 8.96
CA TYR F 51 -37.11 13.13 8.89
C TYR F 51 -36.46 13.75 10.10
N GLU F 52 -36.79 13.25 11.30
CA GLU F 52 -36.15 13.74 12.51
C GLU F 52 -34.68 13.32 12.58
N GLU F 53 -34.38 12.09 12.15
CA GLU F 53 -32.97 11.65 12.10
C GLU F 53 -32.14 12.54 11.17
N THR F 54 -32.70 12.88 10.00
CA THR F 54 -31.99 13.71 9.04
C THR F 54 -31.85 15.14 9.54
N ARG F 55 -32.87 15.66 10.24
CA ARG F 55 -32.75 16.98 10.84
C ARG F 55 -31.64 17.01 11.88
N GLY F 56 -31.52 15.94 12.68
CA GLY F 56 -30.41 15.88 13.64
C GLY F 56 -29.05 15.78 12.97
N VAL F 57 -28.94 14.95 11.93
CA VAL F 57 -27.68 14.79 11.20
C VAL F 57 -27.27 16.10 10.55
N LEU F 58 -28.23 16.77 9.91
CA LEU F 58 -27.97 18.05 9.26
C LEU F 58 -27.59 19.11 10.28
N LYS F 59 -28.23 19.10 11.45
CA LYS F 59 -27.87 20.05 12.49
C LYS F 59 -26.44 19.83 12.97
N VAL F 60 -26.03 18.57 13.13
CA VAL F 60 -24.65 18.28 13.57
C VAL F 60 -23.65 18.75 12.51
N PHE F 61 -23.92 18.41 11.25
CA PHE F 61 -23.04 18.81 10.14
C PHE F 61 -22.93 20.32 10.05
N LEU F 62 -24.07 21.01 10.11
CA LEU F 62 -24.07 22.47 10.03
C LEU F 62 -23.37 23.11 11.21
N GLU F 63 -23.50 22.53 12.42
CA GLU F 63 -22.78 23.09 13.56
C GLU F 63 -21.27 22.95 13.38
N ASN F 64 -20.81 21.80 12.88
CA ASN F 64 -19.39 21.63 12.59
C ASN F 64 -18.88 22.65 11.57
N VAL F 65 -19.57 22.73 10.42
CA VAL F 65 -19.08 23.58 9.33
C VAL F 65 -19.18 25.05 9.71
N ILE F 66 -20.26 25.46 10.39
CA ILE F 66 -20.40 26.86 10.75
C ILE F 66 -19.47 27.22 11.90
N ARG F 67 -19.15 26.26 12.79
CA ARG F 67 -18.17 26.50 13.83
C ARG F 67 -16.82 26.83 13.20
N ASP F 68 -16.39 25.98 12.27
CA ASP F 68 -15.10 26.20 11.62
C ASP F 68 -15.10 27.50 10.81
N ALA F 69 -16.20 27.78 10.12
CA ALA F 69 -16.32 29.01 9.33
C ALA F 69 -16.26 30.26 10.20
N VAL F 70 -16.94 30.23 11.36
CA VAL F 70 -16.90 31.38 12.26
C VAL F 70 -15.53 31.49 12.92
N THR F 71 -14.81 30.37 13.05
CA THR F 71 -13.44 30.44 13.55
C THR F 71 -12.55 31.15 12.54
N TYR F 72 -12.71 30.79 11.25
CA TYR F 72 -11.95 31.41 10.18
C TYR F 72 -12.27 32.90 10.10
N THR F 73 -13.56 33.24 10.26
CA THR F 73 -14.00 34.63 10.22
C THR F 73 -13.39 35.43 11.36
N GLU F 74 -13.49 34.90 12.58
CA GLU F 74 -12.96 35.57 13.77
C GLU F 74 -11.45 35.74 13.71
N HIS F 75 -10.75 34.81 13.06
CA HIS F 75 -9.31 34.95 12.89
C HIS F 75 -8.97 36.16 12.02
N ALA F 76 -9.83 36.49 11.07
CA ALA F 76 -9.61 37.60 10.15
C ALA F 76 -10.16 38.90 10.72
N LYS F 77 -10.59 38.87 11.98
CA LYS F 77 -11.13 40.02 12.71
C LYS F 77 -12.30 40.63 11.95
N ARG F 78 -13.14 39.76 11.41
CA ARG F 78 -14.32 40.15 10.65
C ARG F 78 -15.55 39.64 11.37
N LYS F 79 -16.66 40.31 11.13
CA LYS F 79 -17.94 39.93 11.71
C LYS F 79 -18.90 39.34 10.69
N THR F 80 -18.44 39.15 9.45
CA THR F 80 -19.27 38.62 8.36
C THR F 80 -18.63 37.33 7.88
N VAL F 81 -19.43 36.27 7.81
CA VAL F 81 -18.99 34.97 7.30
C VAL F 81 -19.00 35.01 5.77
N THR F 82 -17.81 35.18 5.18
CA THR F 82 -17.63 35.20 3.74
C THR F 82 -17.73 33.79 3.17
N ALA F 83 -17.88 33.71 1.85
CA ALA F 83 -17.93 32.42 1.17
C ALA F 83 -16.59 31.69 1.26
N MET F 84 -15.50 32.45 1.38
CA MET F 84 -14.19 31.82 1.51
C MET F 84 -14.05 31.09 2.83
N ASP F 85 -14.65 31.63 3.90
CA ASP F 85 -14.68 30.93 5.18
C ASP F 85 -15.37 29.56 5.06
N VAL F 86 -16.50 29.51 4.36
CA VAL F 86 -17.22 28.24 4.20
C VAL F 86 -16.41 27.26 3.35
N VAL F 87 -15.80 27.74 2.26
CA VAL F 87 -15.02 26.85 1.39
C VAL F 87 -13.81 26.32 2.13
N TYR F 88 -13.11 27.20 2.87
CA TYR F 88 -11.92 26.82 3.63
C TYR F 88 -12.28 25.82 4.71
N ALA F 89 -13.40 26.04 5.41
CA ALA F 89 -13.83 25.13 6.46
C ALA F 89 -14.14 23.76 5.91
N LEU F 90 -14.84 23.71 4.76
CA LEU F 90 -15.18 22.44 4.13
C LEU F 90 -13.95 21.68 3.68
N LYS F 91 -12.97 22.40 3.12
CA LYS F 91 -11.71 21.83 2.66
C LYS F 91 -10.95 21.05 3.74
N ARG F 92 -10.86 21.58 4.96
CA ARG F 92 -10.24 20.77 6.01
C ARG F 92 -11.17 19.75 6.66
N GLN F 93 -12.41 19.63 6.23
CA GLN F 93 -13.25 18.50 6.62
C GLN F 93 -13.35 17.52 5.48
N GLY F 94 -12.58 17.75 4.43
CA GLY F 94 -12.46 16.88 3.27
C GLY F 94 -13.61 17.00 2.31
N ARG F 95 -14.40 18.05 2.41
CA ARG F 95 -15.57 18.21 1.57
C ARG F 95 -15.37 19.37 0.62
N THR F 96 -14.22 19.38 -0.07
CA THR F 96 -13.85 20.37 -1.08
C THR F 96 -14.99 20.75 -1.99
N LEU F 97 -15.27 22.05 -2.07
CA LEU F 97 -16.41 22.57 -2.80
C LEU F 97 -15.92 23.45 -3.95
N TYR F 98 -16.31 23.10 -5.17
CA TYR F 98 -15.99 23.89 -6.35
C TYR F 98 -17.18 24.75 -6.72
N GLY F 99 -16.92 26.02 -7.03
CA GLY F 99 -17.99 26.86 -7.56
C GLY F 99 -18.24 28.15 -6.83
N PHE F 100 -17.47 28.42 -5.77
CA PHE F 100 -17.67 29.63 -4.99
C PHE F 100 -16.36 30.34 -4.72
N GLY F 101 -15.37 30.14 -5.58
CA GLY F 101 -14.11 30.83 -5.43
C GLY F 101 -13.06 30.03 -4.67
N GLY F 102 -11.81 30.12 -5.11
CA GLY F 102 -10.71 29.42 -4.46
C GLY F 102 -10.68 27.92 -4.66
N LYS G 13 24.15 36.60 32.17
CA LYS G 13 23.76 35.20 32.18
C LYS G 13 22.72 34.96 31.08
N ALA G 14 22.56 33.71 30.65
CA ALA G 14 21.62 33.34 29.60
C ALA G 14 20.60 32.38 30.18
N LYS G 15 19.31 32.68 29.93
CA LYS G 15 18.21 31.83 30.38
C LYS G 15 17.49 31.29 29.15
N THR G 16 17.18 29.99 29.18
CA THR G 16 16.47 29.38 28.07
C THR G 16 15.04 29.90 27.98
N ARG G 17 14.51 29.93 26.76
CA ARG G 17 13.16 30.45 26.53
C ARG G 17 12.09 29.57 27.16
N SER G 18 12.34 28.26 27.27
CA SER G 18 11.39 27.37 27.93
C SER G 18 11.21 27.72 29.39
N SER G 19 12.30 28.04 30.10
CA SER G 19 12.20 28.42 31.50
C SER G 19 11.51 29.77 31.65
N ARG G 20 11.78 30.70 30.73
CA ARG G 20 11.10 31.99 30.72
C ARG G 20 9.59 31.81 30.55
N ALA G 21 9.19 31.00 29.57
CA ALA G 21 7.78 30.70 29.35
C ALA G 21 7.21 29.77 30.41
N GLY G 22 8.06 29.05 31.14
CA GLY G 22 7.59 28.09 32.12
C GLY G 22 7.19 26.77 31.51
N LEU G 23 7.90 26.33 30.48
CA LEU G 23 7.60 25.10 29.75
C LEU G 23 8.77 24.14 29.85
N GLN G 24 8.49 22.87 29.57
CA GLN G 24 9.52 21.87 29.41
C GLN G 24 9.93 21.66 27.96
N PHE G 25 9.01 21.90 27.01
CA PHE G 25 9.35 21.73 25.62
C PHE G 25 10.24 22.87 25.14
N PRO G 26 11.14 22.62 24.18
CA PRO G 26 12.10 23.65 23.75
C PRO G 26 11.46 24.66 22.80
N VAL G 27 11.33 25.90 23.27
CA VAL G 27 10.81 26.98 22.44
C VAL G 27 11.77 27.27 21.28
N GLY G 28 13.07 27.14 21.52
CA GLY G 28 14.05 27.39 20.49
C GLY G 28 13.98 26.40 19.34
N ARG G 29 13.85 25.11 19.67
CA ARG G 29 13.75 24.08 18.64
C ARG G 29 12.45 24.20 17.84
N VAL G 30 11.36 24.56 18.52
CA VAL G 30 10.08 24.78 17.83
C VAL G 30 10.19 25.98 16.91
N HIS G 31 10.89 27.03 17.36
CA HIS G 31 11.13 28.20 16.51
C HIS G 31 11.96 27.83 15.27
N ARG G 32 13.01 27.02 15.47
CA ARG G 32 13.83 26.57 14.34
C ARG G 32 13.00 25.78 13.35
N LEU G 33 12.16 24.86 13.84
CA LEU G 33 11.38 24.02 12.95
C LEU G 33 10.30 24.83 12.24
N LEU G 34 9.78 25.87 12.88
CA LEU G 34 8.82 26.75 12.21
C LEU G 34 9.50 27.58 11.13
N ARG G 35 10.71 28.08 11.41
CA ARG G 35 11.41 28.91 10.45
C ARG G 35 11.94 28.10 9.26
N LYS G 36 12.34 26.86 9.50
CA LYS G 36 12.92 26.02 8.45
C LYS G 36 11.90 25.13 7.76
N GLY G 37 10.69 25.01 8.32
CA GLY G 37 9.69 24.12 7.79
C GLY G 37 8.88 24.67 6.64
N ASN G 38 9.21 25.89 6.19
CA ASN G 38 8.56 26.57 5.07
C ASN G 38 7.07 26.76 5.33
N TYR G 39 6.77 27.49 6.41
CA TYR G 39 5.40 27.86 6.73
C TYR G 39 5.11 29.32 6.45
N ALA G 40 6.09 30.21 6.66
CA ALA G 40 5.98 31.61 6.28
C ALA G 40 7.38 32.19 6.23
N GLU G 41 7.49 33.37 5.61
CA GLU G 41 8.80 34.02 5.50
C GLU G 41 9.24 34.57 6.87
N ARG G 42 8.29 34.87 7.76
CA ARG G 42 8.53 35.43 9.09
C ARG G 42 7.75 34.61 10.11
N VAL G 43 8.34 34.40 11.28
CA VAL G 43 7.69 33.71 12.39
C VAL G 43 7.70 34.62 13.61
N GLY G 44 6.52 34.86 14.19
CA GLY G 44 6.43 35.72 15.34
C GLY G 44 7.06 35.12 16.57
N ALA G 45 7.46 36.00 17.51
CA ALA G 45 8.13 35.57 18.73
C ALA G 45 7.22 34.70 19.60
N GLY G 46 5.93 35.04 19.68
CA GLY G 46 5.03 34.30 20.54
C GLY G 46 4.60 32.95 20.00
N ALA G 47 4.77 32.73 18.69
CA ALA G 47 4.32 31.48 18.08
C ALA G 47 5.03 30.23 18.58
N PRO G 48 6.38 30.17 18.68
CA PRO G 48 6.97 28.95 19.25
C PRO G 48 6.64 28.75 20.71
N VAL G 49 6.46 29.82 21.50
CA VAL G 49 6.05 29.69 22.89
C VAL G 49 4.67 29.05 22.99
N TYR G 50 3.73 29.59 22.22
CA TYR G 50 2.35 29.08 22.22
C TYR G 50 2.31 27.63 21.72
N LEU G 51 3.04 27.33 20.64
CA LEU G 51 3.02 25.98 20.08
C LEU G 51 3.67 24.98 21.02
N ALA G 52 4.77 25.38 21.68
CA ALA G 52 5.41 24.49 22.65
C ALA G 52 4.50 24.23 23.84
N ALA G 53 3.76 25.26 24.28
CA ALA G 53 2.82 25.06 25.38
C ALA G 53 1.69 24.11 24.99
N VAL G 54 1.17 24.25 23.76
CA VAL G 54 0.09 23.37 23.31
C VAL G 54 0.59 21.93 23.17
N LEU G 55 1.78 21.75 22.58
CA LEU G 55 2.35 20.42 22.44
C LEU G 55 2.63 19.79 23.80
N GLU G 56 3.15 20.58 24.75
CA GLU G 56 3.43 20.06 26.09
C GLU G 56 2.14 19.69 26.81
N TYR G 57 1.08 20.48 26.65
CA TYR G 57 -0.20 20.13 27.27
C TYR G 57 -0.75 18.83 26.70
N LEU G 58 -0.71 18.68 25.37
CA LEU G 58 -1.22 17.46 24.76
C LEU G 58 -0.38 16.24 25.16
N THR G 59 0.93 16.42 25.25
CA THR G 59 1.80 15.36 25.76
C THR G 59 1.46 14.99 27.20
N ALA G 60 1.25 15.99 28.05
CA ALA G 60 0.90 15.73 29.44
C ALA G 60 -0.43 15.01 29.56
N GLU G 61 -1.41 15.39 28.74
CA GLU G 61 -2.72 14.75 28.78
C GLU G 61 -2.64 13.28 28.35
N ILE G 62 -2.04 13.03 27.18
CA ILE G 62 -1.88 11.65 26.70
C ILE G 62 -1.08 10.82 27.70
N LEU G 63 0.00 11.37 28.27
CA LEU G 63 0.82 10.59 29.18
C LEU G 63 0.10 10.34 30.50
N GLU G 64 -0.74 11.28 30.94
CA GLU G 64 -1.54 11.07 32.15
C GLU G 64 -2.53 9.93 31.95
N LEU G 65 -3.24 9.95 30.81
CA LEU G 65 -4.19 8.87 30.56
C LEU G 65 -3.49 7.54 30.33
N ALA G 66 -2.29 7.55 29.74
CA ALA G 66 -1.55 6.32 29.54
C ALA G 66 -1.02 5.78 30.85
N GLY G 67 -0.61 6.66 31.77
CA GLY G 67 -0.19 6.21 33.09
C GLY G 67 -1.35 5.65 33.90
N ASN G 68 -2.53 6.25 33.77
CA ASN G 68 -3.73 5.68 34.38
C ASN G 68 -4.03 4.30 33.82
N ALA G 69 -3.94 4.14 32.49
CA ALA G 69 -4.15 2.83 31.87
C ALA G 69 -3.11 1.82 32.33
N ALA G 70 -1.87 2.25 32.50
CA ALA G 70 -0.81 1.35 32.95
C ALA G 70 -1.02 0.93 34.39
N ARG G 71 -1.47 1.85 35.25
CA ARG G 71 -1.84 1.47 36.62
C ARG G 71 -3.01 0.50 36.63
N ASP G 72 -3.97 0.69 35.72
CA ASP G 72 -5.13 -0.20 35.65
C ASP G 72 -4.71 -1.63 35.31
N ASN G 73 -3.74 -1.78 34.41
CA ASN G 73 -3.18 -3.08 34.09
C ASN G 73 -2.03 -3.48 35.02
N LYS G 74 -1.88 -2.79 36.15
CA LYS G 74 -0.88 -3.10 37.19
C LYS G 74 0.54 -3.07 36.63
N LYS G 75 0.82 -2.13 35.73
CA LYS G 75 2.13 -1.94 35.15
C LYS G 75 2.72 -0.62 35.60
N THR G 76 4.06 -0.55 35.60
CA THR G 76 4.79 0.66 35.94
C THR G 76 5.58 1.20 34.74
N ARG G 77 5.18 0.81 33.53
CA ARG G 77 5.93 1.15 32.32
C ARG G 77 4.93 1.30 31.18
N ILE G 78 4.89 2.48 30.58
CA ILE G 78 3.94 2.73 29.49
C ILE G 78 4.41 1.97 28.25
N ILE G 79 3.53 1.15 27.71
CA ILE G 79 3.78 0.38 26.50
C ILE G 79 2.80 0.88 25.45
N PRO G 80 2.91 0.49 24.17
CA PRO G 80 1.93 0.93 23.16
C PRO G 80 0.48 0.56 23.49
N ARG G 81 0.26 -0.55 24.19
CA ARG G 81 -1.10 -0.92 24.59
C ARG G 81 -1.73 0.16 25.47
N HIS G 82 -0.95 0.73 26.38
CA HIS G 82 -1.50 1.76 27.27
C HIS G 82 -1.75 3.06 26.53
N LEU G 83 -0.91 3.38 25.54
CA LEU G 83 -1.17 4.54 24.68
C LEU G 83 -2.45 4.35 23.87
N GLN G 84 -2.66 3.14 23.34
CA GLN G 84 -3.89 2.84 22.61
C GLN G 84 -5.11 2.94 23.50
N LEU G 85 -5.01 2.42 24.73
CA LEU G 85 -6.13 2.53 25.67
C LEU G 85 -6.42 3.99 26.02
N ALA G 86 -5.36 4.78 26.24
CA ALA G 86 -5.52 6.21 26.51
C ALA G 86 -6.18 6.93 25.35
N VAL G 87 -5.80 6.61 24.11
CA VAL G 87 -6.36 7.31 22.97
C VAL G 87 -7.81 6.88 22.74
N ARG G 88 -8.05 5.57 22.61
CA ARG G 88 -9.36 5.06 22.23
C ARG G 88 -10.37 5.11 23.37
N ASN G 89 -9.94 5.28 24.62
CA ASN G 89 -10.90 5.36 25.71
C ASN G 89 -11.38 6.77 25.95
N ASP G 90 -10.51 7.76 25.81
CA ASP G 90 -10.95 9.15 25.85
C ASP G 90 -11.63 9.49 24.54
N GLU G 91 -12.74 10.24 24.62
CA GLU G 91 -13.47 10.57 23.40
C GLU G 91 -12.79 11.69 22.61
N GLU G 92 -12.31 12.73 23.30
CA GLU G 92 -11.70 13.87 22.63
C GLU G 92 -10.45 13.46 21.87
N LEU G 93 -9.60 12.64 22.50
CA LEU G 93 -8.38 12.21 21.83
C LEU G 93 -8.64 11.17 20.77
N ASN G 94 -9.77 10.47 20.86
CA ASN G 94 -10.14 9.54 19.79
C ASN G 94 -10.67 10.30 18.59
N LYS G 95 -11.35 11.42 18.82
CA LYS G 95 -11.71 12.31 17.72
C LYS G 95 -10.47 12.92 17.09
N LEU G 96 -9.49 13.30 17.93
CA LEU G 96 -8.26 13.91 17.42
C LEU G 96 -7.43 12.92 16.60
N LEU G 97 -7.28 11.70 17.08
CA LEU G 97 -6.48 10.67 16.43
C LEU G 97 -7.34 9.59 15.79
N GLY G 98 -8.44 9.98 15.15
CA GLY G 98 -9.34 8.99 14.58
C GLY G 98 -8.83 8.33 13.33
N ARG G 99 -7.94 9.01 12.60
CA ARG G 99 -7.32 8.46 11.41
C ARG G 99 -5.89 7.99 11.66
N VAL G 100 -5.53 7.73 12.90
CA VAL G 100 -4.16 7.42 13.30
C VAL G 100 -4.09 5.98 13.79
N THR G 101 -3.07 5.26 13.33
CA THR G 101 -2.78 3.91 13.79
C THR G 101 -1.60 3.94 14.74
N ILE G 102 -1.74 3.25 15.88
CA ILE G 102 -0.69 3.14 16.88
C ILE G 102 -0.12 1.72 16.79
N ALA G 103 1.16 1.62 16.45
CA ALA G 103 1.79 0.31 16.30
C ALA G 103 1.86 -0.44 17.62
N GLN G 104 1.60 -1.74 17.55
CA GLN G 104 1.55 -2.65 18.71
C GLN G 104 0.53 -2.19 19.76
N GLY G 105 -0.54 -1.55 19.32
CA GLY G 105 -1.50 -0.99 20.25
C GLY G 105 -2.74 -1.85 20.46
N GLY G 106 -3.05 -2.70 19.47
CA GLY G 106 -4.25 -3.49 19.55
C GLY G 106 -5.52 -2.64 19.47
N VAL G 107 -6.63 -3.24 19.87
CA VAL G 107 -7.94 -2.61 19.82
C VAL G 107 -8.55 -2.62 21.22
N LEU G 108 -9.65 -1.89 21.35
CA LEU G 108 -10.43 -1.91 22.58
C LEU G 108 -11.16 -3.25 22.72
N PRO G 109 -11.18 -3.83 23.91
CA PRO G 109 -11.93 -5.09 24.10
C PRO G 109 -13.43 -4.84 24.07
N ASN G 110 -13.99 -4.77 22.88
CA ASN G 110 -15.41 -4.48 22.68
C ASN G 110 -16.02 -5.65 21.92
N ILE G 111 -17.09 -6.21 22.47
CA ILE G 111 -17.85 -7.27 21.81
C ILE G 111 -19.28 -6.75 21.61
N GLN G 112 -19.84 -7.02 20.43
CA GLN G 112 -21.19 -6.58 20.13
C GLN G 112 -22.20 -7.39 20.93
N SER G 113 -23.27 -6.71 21.36
CA SER G 113 -24.25 -7.30 22.27
C SER G 113 -25.00 -8.46 21.63
N VAL G 114 -25.24 -8.41 20.32
CA VAL G 114 -26.00 -9.45 19.64
C VAL G 114 -25.23 -10.78 19.64
N LEU G 115 -23.90 -10.71 19.67
CA LEU G 115 -23.08 -11.92 19.61
C LEU G 115 -22.89 -12.57 20.98
N LEU G 116 -23.20 -11.86 22.07
CA LEU G 116 -23.09 -12.42 23.40
C LEU G 116 -24.06 -13.60 23.57
N PRO G 117 -23.71 -14.59 24.39
CA PRO G 117 -24.60 -15.74 24.59
C PRO G 117 -25.94 -15.35 25.20
N LYS G 118 -26.98 -16.08 24.81
CA LYS G 118 -28.33 -15.85 25.27
C LYS G 118 -28.48 -16.00 26.79
N LYS H 28 24.31 14.80 8.07
CA LYS H 28 24.95 14.79 9.39
C LYS H 28 24.56 13.55 10.19
N THR H 29 25.51 13.08 11.01
CA THR H 29 25.27 11.88 11.82
C THR H 29 24.23 12.14 12.91
N ARG H 30 24.27 13.32 13.52
CA ARG H 30 23.37 13.67 14.61
C ARG H 30 21.92 13.67 14.12
N LYS H 31 21.00 13.27 14.99
CA LYS H 31 19.60 13.12 14.66
C LYS H 31 18.81 14.09 15.57
N GLU H 32 17.48 13.99 15.55
CA GLU H 32 16.67 14.93 16.29
C GLU H 32 15.43 14.27 16.87
N SER H 33 15.31 14.30 18.21
CA SER H 33 14.21 13.65 18.92
C SER H 33 13.79 14.49 20.12
N TYR H 34 12.54 14.29 20.52
CA TYR H 34 11.87 14.98 21.63
C TYR H 34 11.89 14.15 22.92
N ALA H 35 12.74 13.12 22.98
CA ALA H 35 12.73 12.18 24.10
C ALA H 35 12.98 12.83 25.47
N ILE H 36 13.95 13.75 25.56
CA ILE H 36 14.30 14.34 26.86
C ILE H 36 13.11 15.09 27.45
N TYR H 37 12.43 15.88 26.61
CA TYR H 37 11.29 16.66 27.05
C TYR H 37 10.12 15.77 27.44
N VAL H 38 9.89 14.71 26.67
CA VAL H 38 8.79 13.78 26.96
C VAL H 38 9.06 13.13 28.31
N TYR H 39 10.33 12.77 28.57
CA TYR H 39 10.68 12.19 29.86
C TYR H 39 10.41 13.17 30.98
N LYS H 40 10.75 14.45 30.79
CA LYS H 40 10.53 15.44 31.84
C LYS H 40 9.05 15.57 32.14
N VAL H 41 8.24 15.57 31.08
CA VAL H 41 6.79 15.65 31.23
C VAL H 41 6.29 14.41 31.98
N LEU H 42 6.85 13.24 31.64
CA LEU H 42 6.39 12.02 32.29
C LEU H 42 6.68 12.07 33.79
N LYS H 43 7.88 12.54 34.18
CA LYS H 43 8.19 12.60 35.61
C LYS H 43 7.29 13.58 36.33
N GLN H 44 7.02 14.75 35.72
CA GLN H 44 6.14 15.71 36.41
C GLN H 44 4.71 15.18 36.54
N VAL H 45 4.23 14.41 35.56
CA VAL H 45 2.84 13.95 35.59
C VAL H 45 2.69 12.68 36.42
N HIS H 46 3.58 11.71 36.25
CA HIS H 46 3.55 10.44 36.96
C HIS H 46 5.00 10.11 37.31
N PRO H 47 5.42 10.37 38.56
CA PRO H 47 6.84 10.22 38.91
C PRO H 47 7.41 8.81 38.81
N ASP H 48 6.64 7.78 39.15
CA ASP H 48 7.16 6.41 39.24
C ASP H 48 6.68 5.53 38.09
N THR H 49 6.52 6.09 36.89
CA THR H 49 6.17 5.31 35.72
C THR H 49 7.23 5.51 34.64
N GLY H 50 7.70 4.41 34.04
CA GLY H 50 8.59 4.47 32.90
C GLY H 50 7.84 4.57 31.58
N ILE H 51 8.60 4.41 30.49
CA ILE H 51 8.02 4.41 29.15
C ILE H 51 8.92 3.57 28.24
N SER H 52 8.29 2.66 27.48
CA SER H 52 9.00 1.79 26.56
C SER H 52 9.63 2.59 25.42
N SER H 53 10.65 2.01 24.79
CA SER H 53 11.30 2.63 23.65
C SER H 53 10.35 2.72 22.44
N LYS H 54 9.53 1.68 22.24
CA LYS H 54 8.53 1.71 21.19
C LYS H 54 7.50 2.81 21.47
N ALA H 55 7.07 2.91 22.74
CA ALA H 55 6.15 3.97 23.12
C ALA H 55 6.81 5.34 22.99
N MET H 56 8.14 5.39 23.18
CA MET H 56 8.88 6.61 22.87
C MET H 56 8.83 6.98 21.40
N SER H 57 9.01 6.00 20.50
CA SER H 57 8.89 6.29 19.08
C SER H 57 7.49 6.75 18.73
N ILE H 58 6.48 6.16 19.38
CA ILE H 58 5.09 6.57 19.14
C ILE H 58 4.84 7.99 19.62
N MET H 59 5.35 8.35 20.80
CA MET H 59 5.19 9.71 21.31
C MET H 59 5.96 10.72 20.47
N ASN H 60 7.13 10.36 19.97
CA ASN H 60 7.90 11.26 19.12
C ASN H 60 7.16 11.53 17.81
N SER H 61 6.64 10.47 17.19
CA SER H 61 5.86 10.64 15.97
C SER H 61 4.55 11.37 16.22
N PHE H 62 3.96 11.20 17.41
CA PHE H 62 2.74 11.93 17.76
C PHE H 62 3.01 13.42 17.91
N VAL H 63 4.10 13.79 18.59
CA VAL H 63 4.46 15.20 18.75
C VAL H 63 4.78 15.81 17.39
N ASN H 64 5.53 15.08 16.55
CA ASN H 64 5.86 15.57 15.22
C ASN H 64 4.61 15.75 14.35
N ASP H 65 3.67 14.80 14.42
CA ASP H 65 2.47 14.86 13.60
C ASP H 65 1.56 16.01 14.04
N VAL H 66 1.37 16.18 15.34
CA VAL H 66 0.51 17.26 15.83
C VAL H 66 1.16 18.61 15.56
N PHE H 67 2.48 18.71 15.71
CA PHE H 67 3.21 19.93 15.36
C PHE H 67 3.03 20.26 13.88
N GLU H 68 3.16 19.25 13.02
CA GLU H 68 3.05 19.48 11.58
C GLU H 68 1.64 19.90 11.20
N ARG H 69 0.63 19.28 11.82
CA ARG H 69 -0.77 19.67 11.58
C ARG H 69 -1.02 21.12 12.00
N ILE H 70 -0.61 21.48 13.22
CA ILE H 70 -0.88 22.83 13.71
C ILE H 70 -0.11 23.87 12.90
N ALA H 71 1.15 23.56 12.55
CA ALA H 71 1.96 24.51 11.79
C ALA H 71 1.45 24.66 10.37
N GLY H 72 0.94 23.57 9.77
CA GLY H 72 0.38 23.65 8.43
C GLY H 72 -0.90 24.44 8.42
N GLU H 73 -1.77 24.22 9.42
CA GLU H 73 -3.00 24.99 9.51
C GLU H 73 -2.71 26.46 9.74
N ALA H 74 -1.71 26.77 10.58
CA ALA H 74 -1.35 28.17 10.84
C ALA H 74 -0.77 28.83 9.59
N SER H 75 0.05 28.09 8.83
CA SER H 75 0.59 28.62 7.58
C SER H 75 -0.51 28.88 6.57
N ARG H 76 -1.45 27.95 6.45
CA ARG H 76 -2.62 28.12 5.60
C ARG H 76 -3.45 29.33 6.02
N LEU H 77 -3.56 29.53 7.34
CA LEU H 77 -4.27 30.67 7.89
C LEU H 77 -3.59 31.99 7.51
N ALA H 78 -2.27 32.05 7.68
CA ALA H 78 -1.53 33.25 7.32
C ALA H 78 -1.57 33.51 5.82
N HIS H 79 -1.72 32.45 5.02
CA HIS H 79 -1.83 32.62 3.58
C HIS H 79 -3.22 33.13 3.20
N TYR H 80 -4.25 32.70 3.93
CA TYR H 80 -5.62 33.14 3.64
C TYR H 80 -5.81 34.63 3.89
N ASN H 81 -5.17 35.17 4.92
CA ASN H 81 -5.33 36.57 5.28
C ASN H 81 -4.24 37.45 4.70
N LYS H 82 -3.53 36.96 3.69
CA LYS H 82 -2.46 37.67 2.99
C LYS H 82 -1.35 38.13 3.92
N ARG H 83 -1.18 37.46 5.06
CA ARG H 83 -0.11 37.74 5.98
C ARG H 83 1.12 36.90 5.64
N SER H 84 2.26 37.32 6.17
CA SER H 84 3.52 36.63 5.94
C SER H 84 4.18 36.19 7.24
N THR H 85 3.48 36.29 8.36
CA THR H 85 4.04 36.00 9.67
C THR H 85 3.13 35.03 10.41
N ILE H 86 3.72 34.07 11.11
CA ILE H 86 2.99 33.15 11.99
C ILE H 86 3.10 33.72 13.39
N THR H 87 2.00 34.19 13.94
CA THR H 87 1.97 34.79 15.26
C THR H 87 1.23 33.87 16.24
N SER H 88 1.06 34.36 17.47
CA SER H 88 0.30 33.63 18.47
C SER H 88 -1.16 33.48 18.07
N ARG H 89 -1.70 34.44 17.33
CA ARG H 89 -3.10 34.38 16.90
C ARG H 89 -3.33 33.25 15.92
N GLU H 90 -2.42 33.06 14.96
CA GLU H 90 -2.57 31.97 13.99
C GLU H 90 -2.42 30.61 14.64
N ILE H 91 -1.49 30.49 15.60
CA ILE H 91 -1.34 29.23 16.33
C ILE H 91 -2.57 28.95 17.20
N GLN H 92 -3.12 29.99 17.83
CA GLN H 92 -4.32 29.85 18.64
C GLN H 92 -5.51 29.41 17.80
N THR H 93 -5.72 30.04 16.65
CA THR H 93 -6.83 29.68 15.78
C THR H 93 -6.64 28.27 15.19
N ALA H 94 -5.41 27.90 14.85
CA ALA H 94 -5.17 26.55 14.37
C ALA H 94 -5.40 25.50 15.46
N VAL H 95 -5.12 25.86 16.71
CA VAL H 95 -5.43 24.97 17.82
C VAL H 95 -6.94 24.82 17.98
N ARG H 96 -7.67 25.95 17.92
CA ARG H 96 -9.13 25.91 17.98
C ARG H 96 -9.71 25.03 16.88
N LEU H 97 -9.24 25.23 15.64
CA LEU H 97 -9.76 24.50 14.50
C LEU H 97 -9.46 23.01 14.58
N LEU H 98 -8.22 22.64 14.91
CA LEU H 98 -7.86 21.22 14.87
C LEU H 98 -8.25 20.47 16.14
N LEU H 99 -8.04 21.06 17.30
CA LEU H 99 -8.28 20.33 18.55
C LEU H 99 -9.77 20.33 18.90
N PRO H 100 -10.27 19.23 19.46
CA PRO H 100 -11.66 19.18 19.93
C PRO H 100 -11.88 20.19 21.05
N GLY H 101 -13.17 20.46 21.33
CA GLY H 101 -13.54 21.61 22.16
C GLY H 101 -12.89 21.67 23.53
N GLU H 102 -12.92 20.56 24.29
CA GLU H 102 -12.29 20.60 25.61
C GLU H 102 -10.77 20.73 25.48
N LEU H 103 -10.19 19.96 24.55
CA LEU H 103 -8.75 20.02 24.32
C LEU H 103 -8.36 21.39 23.80
N ALA H 104 -9.16 21.95 22.88
CA ALA H 104 -8.85 23.26 22.33
C ALA H 104 -8.91 24.32 23.43
N LYS H 105 -9.92 24.25 24.30
CA LYS H 105 -10.09 25.23 25.36
C LYS H 105 -8.92 25.19 26.33
N HIS H 106 -8.47 23.98 26.68
CA HIS H 106 -7.41 23.91 27.68
C HIS H 106 -6.05 24.17 27.06
N ALA H 107 -5.85 23.80 25.79
CA ALA H 107 -4.60 24.09 25.12
C ALA H 107 -4.47 25.59 24.87
N VAL H 108 -5.58 26.25 24.54
CA VAL H 108 -5.60 27.70 24.38
C VAL H 108 -5.28 28.38 25.70
N SER H 109 -5.89 27.91 26.80
CA SER H 109 -5.58 28.49 28.11
C SER H 109 -4.10 28.31 28.47
N GLU H 110 -3.55 27.12 28.21
CA GLU H 110 -2.13 26.87 28.45
C GLU H 110 -1.25 27.77 27.59
N GLY H 111 -1.57 27.89 26.31
CA GLY H 111 -0.77 28.70 25.41
C GLY H 111 -0.78 30.17 25.76
N THR H 112 -1.96 30.70 26.11
CA THR H 112 -2.03 32.11 26.49
C THR H 112 -1.36 32.36 27.83
N LYS H 113 -1.43 31.39 28.75
CA LYS H 113 -0.72 31.52 30.02
C LYS H 113 0.79 31.53 29.80
N ALA H 114 1.28 30.66 28.91
CA ALA H 114 2.71 30.62 28.61
C ALA H 114 3.18 31.89 27.91
N VAL H 115 2.39 32.39 26.96
CA VAL H 115 2.77 33.62 26.26
C VAL H 115 2.75 34.81 27.21
N THR H 116 1.77 34.85 28.12
CA THR H 116 1.71 35.91 29.12
C THR H 116 2.92 35.86 30.05
N LYS H 117 3.28 34.67 30.54
CA LYS H 117 4.46 34.52 31.39
C LYS H 117 5.73 34.89 30.65
N TYR H 118 5.84 34.51 29.38
CA TYR H 118 7.04 34.81 28.59
C TYR H 118 7.17 36.31 28.34
N THR H 119 6.05 36.98 28.02
CA THR H 119 6.10 38.41 27.76
C THR H 119 6.35 39.20 29.03
N SER H 120 5.80 38.74 30.16
CA SER H 120 6.02 39.41 31.45
C SER H 120 7.48 39.40 31.84
N ALA H 121 8.13 38.23 31.77
CA ALA H 121 9.56 38.15 32.03
C ALA H 121 10.40 38.76 30.92
N LYS H 122 9.81 38.93 29.73
CA LYS H 122 10.45 39.47 28.52
C LYS H 122 11.66 38.64 28.07
N SER K 61 28.16 -36.37 33.46
CA SER K 61 26.86 -36.95 33.12
C SER K 61 27.03 -38.24 32.34
N GLY K 62 26.00 -38.59 31.55
CA GLY K 62 26.10 -39.74 30.69
C GLY K 62 25.65 -39.45 29.27
N ILE K 63 25.74 -38.19 28.87
CA ILE K 63 25.32 -37.74 27.54
C ILE K 63 26.50 -37.01 26.92
N VAL K 64 26.73 -37.26 25.62
CA VAL K 64 27.74 -36.52 24.87
C VAL K 64 27.12 -35.94 23.59
N PRO K 65 27.17 -34.62 23.39
CA PRO K 65 26.51 -34.01 22.24
C PRO K 65 27.11 -34.49 20.92
N THR K 66 26.28 -34.51 19.88
CA THR K 66 26.72 -34.92 18.55
C THR K 66 26.75 -33.71 17.63
N LEU K 67 27.89 -33.47 17.00
CA LEU K 67 28.02 -32.35 16.08
C LEU K 67 27.26 -32.63 14.79
N GLN K 68 26.49 -31.66 14.32
CA GLN K 68 25.70 -31.82 13.12
C GLN K 68 26.09 -30.88 12.00
N ASN K 69 26.25 -29.58 12.29
CA ASN K 69 26.55 -28.60 11.24
C ASN K 69 27.82 -27.85 11.64
N ILE K 70 28.75 -27.78 10.68
CA ILE K 70 30.00 -27.04 10.83
C ILE K 70 29.93 -25.87 9.85
N VAL K 71 30.12 -24.65 10.37
CA VAL K 71 30.14 -23.45 9.53
C VAL K 71 31.58 -23.01 9.40
N ALA K 72 32.14 -23.18 8.20
CA ALA K 72 33.53 -22.87 7.94
C ALA K 72 33.65 -21.81 6.84
N THR K 73 34.79 -21.14 6.83
CA THR K 73 35.08 -20.07 5.87
C THR K 73 36.43 -20.35 5.24
N VAL K 74 36.53 -20.14 3.92
CA VAL K 74 37.79 -20.26 3.19
C VAL K 74 37.90 -19.06 2.26
N THR K 75 39.10 -18.49 2.19
CA THR K 75 39.41 -17.43 1.24
C THR K 75 40.32 -17.99 0.15
N LEU K 76 40.06 -17.58 -1.09
CA LEU K 76 40.74 -18.15 -2.25
C LEU K 76 41.73 -17.20 -2.91
N GLY K 77 41.78 -15.94 -2.48
CA GLY K 77 42.71 -15.00 -3.07
C GLY K 77 42.17 -14.20 -4.23
N CYS K 78 42.42 -14.68 -5.45
CA CYS K 78 42.06 -13.95 -6.66
C CYS K 78 40.55 -13.74 -6.77
N ARG K 79 40.17 -12.59 -7.33
CA ARG K 79 38.77 -12.29 -7.56
C ARG K 79 38.22 -13.17 -8.67
N LEU K 80 36.94 -13.51 -8.57
CA LEU K 80 36.32 -14.48 -9.45
C LEU K 80 35.27 -13.81 -10.32
N ASP K 81 35.18 -14.26 -11.58
CA ASP K 81 34.11 -13.90 -12.50
C ASP K 81 33.03 -14.96 -12.34
N LEU K 82 32.05 -14.66 -11.48
CA LEU K 82 31.02 -15.61 -11.07
C LEU K 82 30.20 -16.15 -12.24
N LYS K 83 30.07 -15.39 -13.32
CA LYS K 83 29.24 -15.82 -14.45
C LYS K 83 29.73 -17.13 -15.05
N THR K 84 31.06 -17.26 -15.24
CA THR K 84 31.62 -18.50 -15.76
C THR K 84 31.37 -19.65 -14.78
N VAL K 85 31.54 -19.37 -13.48
CA VAL K 85 31.38 -20.40 -12.46
C VAL K 85 29.95 -20.92 -12.48
N ALA K 86 28.98 -20.01 -12.58
CA ALA K 86 27.57 -20.40 -12.58
C ALA K 86 27.25 -21.22 -13.83
N LEU K 87 27.75 -20.78 -14.99
CA LEU K 87 27.43 -21.48 -16.24
C LEU K 87 28.06 -22.88 -16.27
N HIS K 88 29.35 -22.99 -15.95
CA HIS K 88 30.03 -24.28 -16.05
C HIS K 88 29.62 -25.25 -14.95
N ALA K 89 29.51 -24.80 -13.72
CA ALA K 89 29.22 -25.69 -12.59
C ALA K 89 27.74 -26.04 -12.49
N ARG K 90 27.48 -27.23 -11.97
CA ARG K 90 26.13 -27.70 -11.72
C ARG K 90 25.77 -27.41 -10.26
N ASN K 91 24.48 -27.53 -9.94
CA ASN K 91 23.96 -27.36 -8.58
C ASN K 91 24.30 -25.99 -8.02
N ALA K 92 24.17 -24.97 -8.87
CA ALA K 92 24.54 -23.60 -8.55
C ALA K 92 23.35 -22.67 -8.74
N GLU K 93 23.27 -21.65 -7.89
CA GLU K 93 22.19 -20.68 -7.94
C GLU K 93 22.82 -19.30 -7.82
N TYR K 94 22.68 -18.47 -8.85
CA TYR K 94 23.32 -17.15 -8.87
C TYR K 94 22.31 -16.12 -9.35
N ASN K 95 21.60 -15.50 -8.40
CA ASN K 95 20.73 -14.38 -8.71
C ASN K 95 21.51 -13.13 -8.33
N PRO K 96 22.18 -12.45 -9.28
CA PRO K 96 23.07 -11.32 -8.92
C PRO K 96 22.40 -10.17 -8.17
N LYS K 97 21.19 -9.78 -8.58
CA LYS K 97 20.53 -8.62 -7.99
C LYS K 97 20.21 -8.84 -6.52
N ARG K 98 19.63 -10.00 -6.18
CA ARG K 98 19.26 -10.27 -4.79
C ARG K 98 20.49 -10.48 -3.91
N PHE K 99 21.49 -11.21 -4.40
CA PHE K 99 22.63 -11.55 -3.57
C PHE K 99 23.88 -11.68 -4.44
N ALA K 100 24.99 -11.14 -3.96
CA ALA K 100 26.23 -11.09 -4.72
C ALA K 100 27.10 -12.33 -4.44
N ALA K 101 26.55 -13.49 -4.79
CA ALA K 101 27.20 -14.78 -4.55
C ALA K 101 26.42 -15.86 -5.28
N VAL K 102 27.09 -16.98 -5.50
CA VAL K 102 26.47 -18.20 -6.01
C VAL K 102 26.37 -19.21 -4.87
N ILE K 103 25.22 -19.88 -4.79
CA ILE K 103 24.96 -20.92 -3.81
C ILE K 103 25.20 -22.26 -4.47
N MET K 104 26.13 -23.04 -3.94
CA MET K 104 26.51 -24.31 -4.55
C MET K 104 26.40 -25.43 -3.51
N ARG K 105 25.83 -26.56 -3.94
CA ARG K 105 25.62 -27.71 -3.08
C ARG K 105 26.12 -28.98 -3.74
N ILE K 106 26.72 -29.87 -2.97
CA ILE K 106 27.16 -31.17 -3.47
C ILE K 106 26.40 -32.26 -2.71
N ARG K 107 25.98 -33.30 -3.44
CA ARG K 107 25.20 -34.39 -2.86
C ARG K 107 25.95 -35.08 -1.71
N GLU K 108 27.09 -35.70 -2.02
CA GLU K 108 27.88 -36.41 -1.03
C GLU K 108 29.25 -35.76 -0.95
N PRO K 109 29.67 -35.25 0.22
CA PRO K 109 28.86 -35.06 1.42
C PRO K 109 27.94 -33.84 1.30
N LYS K 110 26.78 -33.89 1.94
CA LYS K 110 25.84 -32.77 1.86
C LYS K 110 26.40 -31.52 2.54
N THR K 111 26.55 -30.45 1.77
CA THR K 111 27.09 -29.16 2.20
C THR K 111 26.55 -28.08 1.28
N THR K 112 26.68 -26.82 1.71
CA THR K 112 26.25 -25.66 0.94
C THR K 112 27.39 -24.65 0.87
N ALA K 113 27.97 -24.47 -0.31
CA ALA K 113 29.02 -23.48 -0.51
C ALA K 113 28.45 -22.19 -1.09
N LEU K 114 28.73 -21.07 -0.41
CA LEU K 114 28.42 -19.73 -0.91
C LEU K 114 29.73 -19.11 -1.40
N ILE K 115 29.87 -18.98 -2.72
CA ILE K 115 31.09 -18.45 -3.34
C ILE K 115 30.85 -16.98 -3.68
N PHE K 116 31.70 -16.10 -3.14
CA PHE K 116 31.49 -14.66 -3.26
C PHE K 116 32.44 -14.05 -4.29
N ALA K 117 32.31 -12.74 -4.47
CA ALA K 117 33.07 -12.04 -5.50
C ALA K 117 34.56 -11.97 -5.15
N SER K 118 34.88 -11.52 -3.94
CA SER K 118 36.26 -11.34 -3.50
C SER K 118 37.04 -12.64 -3.39
N GLY K 119 36.38 -13.80 -3.47
CA GLY K 119 37.03 -15.08 -3.38
C GLY K 119 36.74 -15.84 -2.10
N LYS K 120 36.22 -15.17 -1.09
CA LYS K 120 35.87 -15.83 0.16
C LYS K 120 34.69 -16.76 -0.06
N MET K 121 34.80 -18.00 0.39
CA MET K 121 33.74 -18.98 0.29
C MET K 121 33.37 -19.53 1.67
N VAL K 122 32.09 -19.81 1.85
CA VAL K 122 31.53 -20.21 3.14
C VAL K 122 30.89 -21.59 2.98
N VAL K 123 31.37 -22.57 3.75
CA VAL K 123 30.88 -23.94 3.69
C VAL K 123 30.11 -24.24 4.96
N THR K 124 28.88 -24.74 4.81
CA THR K 124 28.02 -25.05 5.94
C THR K 124 27.32 -26.38 5.68
N GLY K 125 26.71 -26.94 6.72
CA GLY K 125 25.95 -28.17 6.57
C GLY K 125 26.75 -29.45 6.69
N ALA K 126 27.89 -29.43 7.36
CA ALA K 126 28.83 -30.55 7.43
C ALA K 126 28.71 -31.23 8.79
N LYS K 127 28.59 -32.57 8.77
CA LYS K 127 28.45 -33.32 10.02
C LYS K 127 29.69 -33.20 10.91
N SER K 128 30.87 -33.28 10.33
CA SER K 128 32.10 -33.28 11.11
C SER K 128 33.05 -32.19 10.59
N GLU K 129 34.17 -32.02 11.29
CA GLU K 129 35.12 -30.98 10.90
C GLU K 129 36.03 -31.50 9.79
N ASP K 130 36.48 -32.76 9.90
CA ASP K 130 37.23 -33.38 8.81
C ASP K 130 36.35 -33.52 7.58
N ASP K 131 35.07 -33.82 7.79
CA ASP K 131 34.11 -33.85 6.70
C ASP K 131 33.98 -32.46 6.07
N SER K 132 33.99 -31.41 6.89
CA SER K 132 33.89 -30.04 6.38
C SER K 132 35.11 -29.68 5.52
N LYS K 133 36.31 -30.00 6.01
CA LYS K 133 37.49 -29.70 5.19
C LYS K 133 37.53 -30.56 3.93
N LEU K 134 37.09 -31.82 4.01
CA LEU K 134 37.03 -32.66 2.81
C LEU K 134 36.06 -32.10 1.79
N ALA K 135 34.91 -31.59 2.25
CA ALA K 135 33.96 -30.95 1.36
C ALA K 135 34.56 -29.71 0.72
N SER K 136 35.33 -28.94 1.51
CA SER K 136 36.04 -27.79 0.95
C SER K 136 37.04 -28.24 -0.10
N ARG K 137 37.68 -29.40 0.12
CA ARG K 137 38.62 -29.93 -0.87
C ARG K 137 37.90 -30.26 -2.17
N LYS K 138 36.70 -30.85 -2.07
CA LYS K 138 35.90 -31.14 -3.26
C LYS K 138 35.49 -29.87 -3.98
N TYR K 139 35.09 -28.84 -3.23
CA TYR K 139 34.72 -27.56 -3.83
C TYR K 139 35.91 -26.89 -4.51
N ALA K 140 37.09 -26.98 -3.89
CA ALA K 140 38.29 -26.44 -4.50
C ALA K 140 38.66 -27.21 -5.76
N ARG K 141 38.50 -28.53 -5.75
CA ARG K 141 38.83 -29.34 -6.91
C ARG K 141 37.90 -29.00 -8.08
N ILE K 142 36.59 -28.89 -7.82
CA ILE K 142 35.66 -28.57 -8.90
C ILE K 142 35.84 -27.13 -9.40
N ILE K 143 36.13 -26.18 -8.49
CA ILE K 143 36.38 -24.82 -8.96
C ILE K 143 37.67 -24.75 -9.79
N GLN K 144 38.66 -25.58 -9.46
CA GLN K 144 39.84 -25.70 -10.32
C GLN K 144 39.45 -26.25 -11.69
N LYS K 145 38.50 -27.19 -11.72
CA LYS K 145 37.98 -27.70 -12.99
C LYS K 145 37.26 -26.62 -13.79
N ILE K 146 36.60 -25.67 -13.11
CA ILE K 146 35.89 -24.59 -13.80
C ILE K 146 36.83 -23.77 -14.68
N GLY K 147 38.09 -23.60 -14.26
CA GLY K 147 39.04 -22.80 -15.01
C GLY K 147 39.63 -21.63 -14.25
N PHE K 148 39.32 -21.45 -12.96
CA PHE K 148 39.92 -20.41 -12.14
C PHE K 148 40.97 -21.02 -11.24
N ALA K 149 42.15 -20.40 -11.22
CA ALA K 149 43.30 -20.89 -10.48
C ALA K 149 43.39 -20.11 -9.17
N ALA K 150 43.25 -20.82 -8.06
CA ALA K 150 43.27 -20.20 -6.74
C ALA K 150 43.91 -21.17 -5.75
N LYS K 151 44.49 -20.61 -4.69
CA LYS K 151 45.14 -21.39 -3.64
C LYS K 151 44.43 -21.17 -2.31
N PHE K 152 44.10 -22.28 -1.66
CA PHE K 152 43.42 -22.25 -0.38
C PHE K 152 44.32 -21.71 0.73
N THR K 153 43.80 -20.77 1.52
CA THR K 153 44.54 -20.12 2.60
C THR K 153 43.57 -19.70 3.70
N ASP K 154 44.13 -19.52 4.90
CA ASP K 154 43.42 -19.00 6.08
C ASP K 154 42.15 -19.81 6.40
N PHE K 155 42.24 -21.14 6.30
CA PHE K 155 41.10 -21.96 6.67
C PHE K 155 40.87 -21.88 8.18
N LYS K 156 39.64 -21.58 8.57
CA LYS K 156 39.26 -21.57 9.98
C LYS K 156 37.77 -21.86 10.10
N ILE K 157 37.39 -22.47 11.22
CA ILE K 157 36.00 -22.79 11.52
C ILE K 157 35.56 -21.87 12.65
N GLN K 158 34.72 -20.89 12.34
CA GLN K 158 34.22 -19.99 13.38
C GLN K 158 33.06 -20.56 14.20
N ASN K 159 32.16 -21.35 13.63
CA ASN K 159 31.03 -21.81 14.43
C ASN K 159 30.60 -23.23 14.08
N ILE K 160 30.29 -23.99 15.14
CA ILE K 160 29.79 -25.36 15.07
C ILE K 160 28.59 -25.46 16.00
N VAL K 161 27.57 -26.21 15.61
CA VAL K 161 26.35 -26.32 16.41
C VAL K 161 26.14 -27.78 16.82
N GLY K 162 25.81 -27.97 18.10
CA GLY K 162 25.63 -29.29 18.69
C GLY K 162 24.25 -29.51 19.29
N SER K 163 23.65 -30.66 19.03
CA SER K 163 22.33 -30.99 19.56
C SER K 163 22.42 -32.14 20.55
N CYS K 164 21.84 -31.96 21.74
CA CYS K 164 21.77 -33.00 22.75
C CYS K 164 20.41 -32.96 23.43
N ASP K 165 19.95 -34.12 23.89
CA ASP K 165 18.68 -34.24 24.62
C ASP K 165 18.95 -34.87 25.98
N VAL K 166 18.56 -34.18 27.05
CA VAL K 166 18.64 -34.73 28.40
C VAL K 166 17.64 -35.87 28.60
N LYS K 167 16.50 -35.82 27.89
CA LYS K 167 15.39 -36.78 28.00
C LYS K 167 14.69 -36.71 29.36
N PHE K 168 14.53 -35.50 29.91
CA PHE K 168 13.78 -35.33 31.16
C PHE K 168 13.20 -33.91 31.25
N PRO K 169 11.90 -33.79 31.53
CA PRO K 169 11.25 -32.47 31.63
C PRO K 169 11.93 -31.51 32.60
N ILE K 170 12.05 -30.26 32.17
CA ILE K 170 12.63 -29.17 32.95
C ILE K 170 11.67 -27.99 32.98
N ARG K 171 11.73 -27.23 34.08
CA ARG K 171 10.87 -26.06 34.28
C ARG K 171 11.61 -24.79 33.85
N LEU K 172 11.10 -24.13 32.80
CA LEU K 172 11.77 -22.95 32.26
C LEU K 172 11.59 -21.74 33.16
N GLU K 173 10.45 -21.64 33.85
CA GLU K 173 10.14 -20.47 34.67
C GLU K 173 11.15 -20.30 35.82
N GLY K 174 11.55 -21.41 36.46
CA GLY K 174 12.54 -21.33 37.52
C GLY K 174 13.89 -20.84 37.03
N LEU K 175 14.32 -21.34 35.86
CA LEU K 175 15.57 -20.89 35.25
C LEU K 175 15.50 -19.41 34.87
N ALA K 176 14.35 -18.97 34.36
CA ALA K 176 14.18 -17.57 34.02
C ALA K 176 14.22 -16.68 35.26
N PHE K 177 13.54 -17.10 36.33
CA PHE K 177 13.52 -16.33 37.57
C PHE K 177 14.89 -16.24 38.21
N SER K 178 15.63 -17.35 38.26
CA SER K 178 16.94 -17.37 38.89
C SER K 178 17.96 -16.50 38.15
N HIS K 179 17.95 -16.55 36.81
CA HIS K 179 18.94 -15.86 35.99
C HIS K 179 18.32 -14.76 35.14
N GLY K 180 17.36 -14.01 35.71
CA GLY K 180 16.66 -12.98 34.95
C GLY K 180 17.57 -11.90 34.40
N THR K 181 18.50 -11.41 35.21
CA THR K 181 19.50 -10.49 34.69
C THR K 181 20.46 -11.20 33.74
N PHE K 182 20.89 -12.41 34.11
CA PHE K 182 21.85 -13.17 33.32
C PHE K 182 21.27 -13.61 31.97
N SER K 183 20.00 -14.02 31.94
CA SER K 183 19.37 -14.54 30.73
C SER K 183 17.93 -14.06 30.64
N SER K 184 17.42 -13.98 29.41
CA SER K 184 16.07 -13.48 29.14
C SER K 184 15.19 -14.56 28.51
N TYR K 185 13.98 -14.71 29.06
CA TYR K 185 12.97 -15.65 28.58
C TYR K 185 11.72 -14.86 28.19
N GLU K 186 11.17 -15.18 27.01
CA GLU K 186 9.96 -14.53 26.51
C GLU K 186 9.05 -15.56 25.87
N PRO K 187 8.09 -16.11 26.65
CA PRO K 187 7.17 -17.16 26.15
C PRO K 187 6.51 -16.92 24.79
N GLU K 188 5.85 -15.78 24.60
CA GLU K 188 5.16 -15.51 23.35
C GLU K 188 6.13 -15.40 22.17
N LEU K 189 7.28 -14.75 22.38
CA LEU K 189 8.27 -14.61 21.31
C LEU K 189 8.84 -15.96 20.89
N PHE K 190 9.06 -16.86 21.86
CA PHE K 190 9.67 -18.15 21.60
C PHE K 190 9.28 -19.08 22.73
N PRO K 191 8.96 -20.36 22.46
CA PRO K 191 8.73 -21.30 23.57
C PRO K 191 10.00 -21.75 24.27
N GLY K 192 11.16 -21.23 23.87
CA GLY K 192 12.42 -21.54 24.51
C GLY K 192 13.03 -20.29 25.11
N LEU K 193 14.02 -20.48 25.98
CA LEU K 193 14.77 -19.38 26.56
C LEU K 193 16.20 -19.37 26.07
N ILE K 194 16.65 -18.21 25.60
CA ILE K 194 18.05 -18.05 25.22
C ILE K 194 18.89 -17.94 26.48
N TYR K 195 20.08 -18.55 26.46
CA TYR K 195 20.95 -18.55 27.63
C TYR K 195 22.33 -18.07 27.20
N ARG K 196 22.70 -16.86 27.57
CA ARG K 196 23.98 -16.28 27.19
C ARG K 196 24.94 -16.41 28.35
N MET K 197 26.13 -16.95 28.09
CA MET K 197 27.15 -17.16 29.11
C MET K 197 28.40 -16.36 28.77
N VAL K 198 28.92 -15.64 29.78
CA VAL K 198 30.14 -14.87 29.58
C VAL K 198 31.33 -15.78 29.31
N LYS K 199 31.41 -16.90 30.01
CA LYS K 199 32.50 -17.86 29.84
C LYS K 199 32.02 -19.27 30.12
N PRO K 200 31.96 -20.15 29.11
CA PRO K 200 32.28 -19.95 27.69
C PRO K 200 31.21 -19.16 26.94
N LYS K 201 31.60 -18.47 25.87
CA LYS K 201 30.67 -17.65 25.09
C LYS K 201 29.85 -18.54 24.16
N ILE K 202 28.94 -19.31 24.77
CA ILE K 202 28.10 -20.26 24.07
C ILE K 202 26.65 -19.92 24.33
N VAL K 203 25.94 -19.52 23.27
CA VAL K 203 24.51 -19.29 23.38
C VAL K 203 23.84 -20.64 23.55
N LEU K 204 22.87 -20.73 24.46
CA LEU K 204 22.19 -21.98 24.73
C LEU K 204 20.69 -21.80 24.49
N LEU K 205 20.09 -22.74 23.76
CA LEU K 205 18.66 -22.76 23.54
C LEU K 205 18.08 -23.88 24.38
N ILE K 206 17.21 -23.52 25.32
CA ILE K 206 16.63 -24.46 26.26
C ILE K 206 15.16 -24.66 25.90
N PHE K 207 14.64 -25.87 26.09
CA PHE K 207 13.27 -26.18 25.71
C PHE K 207 12.58 -26.98 26.81
N VAL K 208 11.24 -26.83 26.86
CA VAL K 208 10.43 -27.57 27.84
C VAL K 208 10.56 -29.08 27.66
N SER K 209 10.67 -29.53 26.41
CA SER K 209 10.80 -30.96 26.13
C SER K 209 12.12 -31.51 26.66
N GLY K 210 13.16 -30.69 26.68
CA GLY K 210 14.47 -31.09 27.13
C GLY K 210 15.50 -31.17 26.04
N LYS K 211 15.20 -30.65 24.85
CA LYS K 211 16.16 -30.59 23.76
C LYS K 211 17.04 -29.35 23.94
N ILE K 212 18.36 -29.54 24.05
CA ILE K 212 19.30 -28.45 24.26
C ILE K 212 20.13 -28.24 22.99
N VAL K 213 20.12 -27.01 22.47
CA VAL K 213 20.88 -26.62 21.29
C VAL K 213 22.13 -25.87 21.73
N LEU K 214 23.29 -26.31 21.22
CA LEU K 214 24.58 -25.71 21.52
C LEU K 214 25.10 -24.98 20.30
N THR K 215 25.40 -23.68 20.44
CA THR K 215 25.82 -22.89 19.29
C THR K 215 26.80 -21.80 19.73
N GLY K 216 27.57 -21.29 18.77
CA GLY K 216 28.55 -20.26 19.05
C GLY K 216 29.96 -20.73 19.35
N ALA K 217 30.30 -21.99 19.09
CA ALA K 217 31.60 -22.55 19.48
C ALA K 217 32.59 -22.62 18.33
N LYS K 218 33.76 -22.01 18.53
CA LYS K 218 34.87 -22.18 17.61
C LYS K 218 35.23 -23.65 17.46
N GLN K 219 35.44 -24.35 18.59
CA GLN K 219 35.83 -25.76 18.60
C GLN K 219 34.88 -26.60 19.45
N ARG K 220 34.98 -27.92 19.26
CA ARG K 220 34.10 -28.89 19.94
C ARG K 220 34.29 -28.87 21.46
N GLU K 221 35.54 -28.71 21.90
CA GLU K 221 35.83 -28.68 23.34
C GLU K 221 34.99 -27.65 24.09
N GLU K 222 34.83 -26.45 23.49
CA GLU K 222 34.15 -25.33 24.13
C GLU K 222 32.68 -25.65 24.42
N ILE K 223 31.99 -26.24 23.43
CA ILE K 223 30.61 -26.67 23.68
C ILE K 223 30.61 -27.79 24.71
N TYR K 224 31.61 -28.69 24.66
CA TYR K 224 31.57 -29.80 25.59
C TYR K 224 31.62 -29.31 27.04
N GLN K 225 32.51 -28.35 27.38
CA GLN K 225 32.48 -27.89 28.78
C GLN K 225 31.19 -27.14 29.05
N ALA K 226 30.69 -26.37 28.06
CA ALA K 226 29.45 -25.61 28.30
C ALA K 226 28.28 -26.54 28.59
N PHE K 227 28.16 -27.65 27.84
CA PHE K 227 27.11 -28.63 28.12
C PHE K 227 27.31 -29.23 29.52
N GLU K 228 28.56 -29.53 29.86
CA GLU K 228 28.83 -30.12 31.18
C GLU K 228 28.43 -29.16 32.28
N ALA K 229 28.70 -27.86 32.07
CA ALA K 229 28.34 -26.82 33.01
C ALA K 229 26.82 -26.67 33.13
N ILE K 230 26.11 -26.73 31.99
CA ILE K 230 24.66 -26.51 32.03
C ILE K 230 23.95 -27.70 32.68
N TYR K 231 24.52 -28.91 32.61
CA TYR K 231 23.81 -30.08 33.10
C TYR K 231 23.39 -30.02 34.57
N PRO K 232 24.22 -29.56 35.54
CA PRO K 232 23.71 -29.43 36.92
C PRO K 232 22.54 -28.47 37.04
N VAL K 233 22.59 -27.33 36.33
CA VAL K 233 21.51 -26.35 36.38
C VAL K 233 20.22 -26.97 35.83
N LEU K 234 20.33 -27.74 34.74
CA LEU K 234 19.16 -28.40 34.19
C LEU K 234 18.60 -29.42 35.17
N SER K 235 19.49 -30.15 35.85
CA SER K 235 19.08 -31.15 36.84
C SER K 235 18.35 -30.48 38.01
N GLU K 236 18.78 -29.27 38.39
CA GLU K 236 18.18 -28.57 39.52
C GLU K 236 16.70 -28.26 39.27
N PHE K 237 16.33 -27.91 38.03
CA PHE K 237 14.98 -27.50 37.70
C PHE K 237 14.14 -28.65 37.14
N ARG K 238 14.62 -29.89 37.30
CA ARG K 238 13.91 -31.09 36.85
C ARG K 238 12.50 -31.14 37.44
N LYS K 239 11.57 -31.70 36.67
CA LYS K 239 10.19 -31.86 37.11
C LYS K 239 10.01 -33.25 37.73
N MET K 240 9.23 -33.30 38.80
CA MET K 240 8.94 -34.52 39.56
C MET K 240 10.19 -35.29 39.99
N ASN L 3 -1.74 -36.10 -27.77
CA ASN L 3 -2.83 -36.93 -28.25
C ASN L 3 -3.74 -36.13 -29.18
N ALA L 4 -5.03 -36.04 -28.83
CA ALA L 4 -5.96 -35.25 -29.62
C ALA L 4 -5.79 -33.76 -29.32
N GLU L 5 -5.72 -33.41 -28.03
CA GLU L 5 -5.65 -32.01 -27.60
C GLU L 5 -4.36 -31.38 -28.13
N ALA L 6 -3.25 -32.10 -28.04
CA ALA L 6 -1.98 -31.58 -28.53
C ALA L 6 -2.03 -31.34 -30.02
N SER L 7 -2.62 -32.27 -30.77
CA SER L 7 -2.72 -32.10 -32.22
C SER L 7 -3.56 -30.87 -32.57
N ARG L 8 -4.69 -30.68 -31.86
CA ARG L 8 -5.56 -29.54 -32.13
C ARG L 8 -4.84 -28.23 -31.83
N VAL L 9 -4.16 -28.16 -30.68
CA VAL L 9 -3.47 -26.91 -30.34
C VAL L 9 -2.35 -26.67 -31.35
N TYR L 10 -1.65 -27.71 -31.78
CA TYR L 10 -0.56 -27.53 -32.73
C TYR L 10 -1.10 -26.97 -34.03
N GLU L 11 -2.30 -27.43 -34.43
CA GLU L 11 -2.94 -26.88 -35.62
C GLU L 11 -3.25 -25.39 -35.44
N ILE L 12 -3.71 -24.97 -34.24
CA ILE L 12 -3.92 -23.52 -34.04
C ILE L 12 -2.58 -22.79 -34.20
N ILE L 13 -1.46 -23.32 -33.66
CA ILE L 13 -0.18 -22.60 -33.80
C ILE L 13 0.16 -22.48 -35.27
N VAL L 14 -0.02 -23.56 -36.04
CA VAL L 14 0.34 -23.56 -37.46
C VAL L 14 -0.46 -22.49 -38.20
N GLU L 15 -1.80 -22.53 -38.05
CA GLU L 15 -2.67 -21.58 -38.74
C GLU L 15 -2.34 -20.14 -38.37
N SER L 16 -2.22 -19.86 -37.07
CA SER L 16 -1.97 -18.49 -36.62
C SER L 16 -0.63 -17.96 -37.11
N VAL L 17 0.44 -18.78 -37.02
CA VAL L 17 1.74 -18.28 -37.43
C VAL L 17 1.78 -18.07 -38.94
N VAL L 18 1.19 -19.00 -39.73
CA VAL L 18 1.25 -18.86 -41.19
C VAL L 18 0.49 -17.61 -41.59
N ASN L 19 -0.64 -17.34 -40.93
CA ASN L 19 -1.42 -16.16 -41.23
C ASN L 19 -0.60 -14.90 -40.96
N GLU L 20 -0.14 -14.74 -39.72
CA GLU L 20 0.61 -13.54 -39.31
C GLU L 20 1.88 -13.28 -40.13
N VAL L 21 2.62 -14.34 -40.49
CA VAL L 21 3.92 -14.19 -41.15
C VAL L 21 3.85 -13.56 -42.55
N ARG L 22 2.77 -13.81 -43.32
CA ARG L 22 2.75 -13.43 -44.74
C ARG L 22 2.96 -11.94 -44.97
N GLU L 23 2.46 -11.08 -44.07
CA GLU L 23 2.53 -9.64 -44.29
C GLU L 23 3.97 -9.16 -44.43
N ASP L 24 4.88 -9.67 -43.58
CA ASP L 24 6.27 -9.25 -43.68
C ASP L 24 6.90 -9.77 -44.95
N PHE L 25 6.50 -10.98 -45.39
CA PHE L 25 7.04 -11.54 -46.63
C PHE L 25 6.65 -10.68 -47.81
N GLU L 26 5.38 -10.25 -47.86
CA GLU L 26 4.92 -9.45 -48.99
C GLU L 26 5.53 -8.06 -48.94
N ASN L 27 5.67 -7.49 -47.74
CA ASN L 27 6.30 -6.18 -47.54
C ASN L 27 7.69 -6.10 -48.18
N ALA L 28 8.39 -7.24 -48.28
CA ALA L 28 9.75 -7.27 -48.81
C ALA L 28 9.87 -8.02 -50.14
N GLY L 29 8.75 -8.34 -50.79
CA GLY L 29 8.84 -8.92 -52.11
C GLY L 29 8.87 -10.43 -52.20
N ILE L 30 8.36 -11.15 -51.20
CA ILE L 30 8.38 -12.60 -51.20
C ILE L 30 6.98 -13.11 -51.56
N ASP L 31 6.91 -13.90 -52.63
CA ASP L 31 5.65 -14.44 -53.13
C ASP L 31 5.03 -15.45 -52.17
N GLU L 32 3.69 -15.57 -52.27
CA GLU L 32 2.85 -16.40 -51.41
C GLU L 32 3.13 -17.90 -51.57
N GLN L 33 3.88 -18.30 -52.61
CA GLN L 33 4.21 -19.71 -52.81
C GLN L 33 5.09 -20.25 -51.68
N THR L 34 6.02 -19.41 -51.21
CA THR L 34 6.94 -19.82 -50.15
C THR L 34 6.17 -20.17 -48.89
N LEU L 35 5.08 -19.44 -48.61
CA LEU L 35 4.29 -19.69 -47.40
C LEU L 35 3.76 -21.11 -47.40
N GLN L 36 3.22 -21.54 -48.55
CA GLN L 36 2.71 -22.89 -48.70
C GLN L 36 3.84 -23.90 -48.59
N ASP L 37 4.99 -23.61 -49.21
CA ASP L 37 6.10 -24.56 -49.18
C ASP L 37 6.57 -24.78 -47.75
N LEU L 38 6.73 -23.69 -47.00
CA LEU L 38 7.23 -23.82 -45.64
C LEU L 38 6.22 -24.59 -44.80
N LYS L 39 4.92 -24.24 -44.95
CA LYS L 39 3.91 -24.89 -44.14
C LYS L 39 3.77 -26.38 -44.45
N ASN L 40 3.75 -26.77 -45.74
CA ASN L 40 3.53 -28.19 -46.04
C ASN L 40 4.71 -29.03 -45.54
N ILE L 41 5.96 -28.57 -45.80
CA ILE L 41 7.11 -29.38 -45.40
C ILE L 41 7.15 -29.45 -43.87
N TRP L 42 6.83 -28.33 -43.22
CA TRP L 42 6.85 -28.24 -41.76
C TRP L 42 5.83 -29.23 -41.18
N GLN L 43 4.62 -29.29 -41.77
CA GLN L 43 3.59 -30.20 -41.30
C GLN L 43 4.06 -31.64 -41.46
N LYS L 44 4.71 -31.94 -42.60
CA LYS L 44 5.16 -33.29 -42.88
C LYS L 44 6.18 -33.73 -41.83
N LYS L 45 7.12 -32.85 -41.48
CA LYS L 45 8.11 -33.26 -40.48
C LYS L 45 7.45 -33.49 -39.12
N LEU L 46 6.47 -32.66 -38.72
CA LEU L 46 5.83 -32.96 -37.43
C LEU L 46 5.14 -34.31 -37.48
N THR L 47 4.44 -34.60 -38.58
CA THR L 47 3.71 -35.87 -38.65
C THR L 47 4.67 -37.05 -38.60
N GLU L 48 5.77 -37.00 -39.36
CA GLU L 48 6.68 -38.15 -39.37
C GLU L 48 7.38 -38.32 -38.01
N THR L 49 7.79 -37.21 -37.37
CA THR L 49 8.53 -37.34 -36.12
C THR L 49 7.68 -37.82 -34.95
N LYS L 50 6.37 -38.00 -35.13
CA LYS L 50 5.47 -38.37 -34.06
C LYS L 50 4.49 -39.45 -34.50
N ASP L 112 34.60 -34.24 -16.23
CA ASP L 112 33.99 -34.95 -15.11
C ASP L 112 32.47 -34.80 -15.13
N ASP L 113 31.81 -35.57 -14.26
CA ASP L 113 30.35 -35.53 -14.17
C ASP L 113 29.84 -34.15 -13.71
N TYR L 114 30.58 -33.47 -12.82
CA TYR L 114 30.11 -32.17 -12.33
C TYR L 114 29.99 -31.15 -13.47
N LEU L 115 30.94 -31.13 -14.40
CA LEU L 115 30.95 -30.15 -15.47
C LEU L 115 29.79 -30.41 -16.44
N ILE L 116 28.79 -29.54 -16.44
CA ILE L 116 27.64 -29.70 -17.32
C ILE L 116 27.80 -28.92 -18.62
N SER L 117 28.97 -28.29 -18.83
CA SER L 117 29.21 -27.52 -20.05
C SER L 117 29.13 -28.40 -21.29
N GLU L 118 29.62 -29.63 -21.20
CA GLU L 118 29.55 -30.57 -22.32
C GLU L 118 28.18 -31.25 -22.29
N GLY L 119 27.15 -30.44 -22.59
CA GLY L 119 25.80 -30.92 -22.67
C GLY L 119 25.20 -30.65 -24.03
N GLU L 120 24.64 -31.69 -24.66
CA GLU L 120 24.10 -31.60 -25.99
C GLU L 120 22.79 -32.36 -26.05
N GLU L 121 21.91 -31.95 -26.96
CA GLU L 121 20.65 -32.63 -27.18
C GLU L 121 20.89 -34.06 -27.60
N ASP L 122 20.51 -35.01 -26.74
CA ASP L 122 20.75 -36.43 -27.00
C ASP L 122 20.08 -36.90 -28.28
N GLY L 123 18.88 -36.40 -28.55
CA GLY L 123 18.15 -36.78 -29.74
C GLY L 123 16.66 -36.86 -29.47
N PRO L 124 15.96 -37.72 -30.21
CA PRO L 124 14.53 -37.94 -29.94
C PRO L 124 14.26 -38.52 -28.55
N ASP L 125 15.16 -39.39 -28.07
CA ASP L 125 14.95 -40.10 -26.81
C ASP L 125 14.84 -39.15 -25.60
N GLU L 126 15.66 -38.09 -25.56
CA GLU L 126 15.71 -37.22 -24.39
C GLU L 126 14.36 -36.54 -24.15
N ASN L 127 14.07 -36.26 -22.88
CA ASN L 127 12.83 -35.61 -22.46
C ASN L 127 13.17 -34.21 -21.95
N LEU L 128 12.56 -33.19 -22.56
CA LEU L 128 12.86 -31.81 -22.24
C LEU L 128 11.60 -31.01 -21.99
N MET L 129 11.62 -30.16 -20.95
CA MET L 129 10.54 -29.23 -20.62
C MET L 129 10.93 -27.77 -20.81
N LEU L 130 10.26 -27.09 -21.74
CA LEU L 130 10.41 -25.66 -21.93
C LEU L 130 9.16 -25.01 -21.33
N CYS L 131 9.34 -24.32 -20.22
CA CYS L 131 8.24 -23.78 -19.45
C CYS L 131 8.67 -22.52 -18.74
N LEU L 132 7.69 -21.80 -18.19
CA LEU L 132 7.94 -20.63 -17.35
C LEU L 132 7.68 -20.98 -15.88
N TYR L 133 8.38 -20.31 -14.98
CA TYR L 133 8.25 -20.57 -13.54
C TYR L 133 7.51 -19.40 -12.89
N ASP L 134 6.42 -19.71 -12.19
CA ASP L 134 5.70 -18.67 -11.45
C ASP L 134 6.53 -18.21 -10.24
N LYS L 135 6.95 -19.16 -9.40
CA LYS L 135 7.80 -18.88 -8.24
C LYS L 135 8.43 -20.20 -7.79
N VAL L 136 9.52 -20.09 -7.05
CA VAL L 136 10.27 -21.25 -6.54
C VAL L 136 10.30 -21.19 -5.02
N THR L 137 9.98 -22.32 -4.38
CA THR L 137 9.97 -22.45 -2.93
C THR L 137 11.20 -23.25 -2.52
N ARG L 138 11.74 -22.94 -1.33
CA ARG L 138 12.95 -23.58 -0.82
C ARG L 138 12.63 -24.41 0.41
N THR L 139 12.90 -25.72 0.33
CA THR L 139 12.78 -26.61 1.47
C THR L 139 14.01 -27.51 1.45
N LYS L 140 14.43 -28.00 2.62
CA LYS L 140 15.67 -28.79 2.72
C LYS L 140 15.60 -30.08 1.92
N ALA L 141 14.53 -30.85 2.08
CA ALA L 141 14.37 -32.11 1.36
C ALA L 141 13.51 -31.94 0.12
N ARG L 142 12.30 -31.43 0.30
CA ARG L 142 11.38 -31.24 -0.81
C ARG L 142 11.85 -30.03 -1.62
N TRP L 143 11.63 -30.08 -2.93
CA TRP L 143 11.96 -28.95 -3.79
C TRP L 143 10.74 -28.61 -4.66
N LYS L 144 9.69 -28.07 -4.03
CA LYS L 144 8.48 -27.76 -4.76
C LYS L 144 8.72 -26.56 -5.68
N CYS L 145 8.10 -26.59 -6.86
CA CYS L 145 8.30 -25.51 -7.83
C CYS L 145 7.07 -25.45 -8.72
N SER L 146 6.44 -24.27 -8.80
CA SER L 146 5.28 -24.09 -9.67
C SER L 146 5.73 -23.63 -11.05
N LEU L 147 5.27 -24.32 -12.09
CA LEU L 147 5.71 -24.05 -13.45
C LEU L 147 4.52 -23.67 -14.32
N LYS L 148 4.78 -22.92 -15.40
CA LYS L 148 3.72 -22.50 -16.30
C LYS L 148 4.16 -22.56 -17.77
N ASP L 149 3.15 -22.60 -18.65
CA ASP L 149 3.28 -22.54 -20.12
C ASP L 149 4.31 -23.51 -20.71
N GLY L 150 4.14 -24.79 -20.43
CA GLY L 150 5.11 -25.81 -20.80
C GLY L 150 4.62 -26.84 -21.81
N VAL L 151 5.51 -27.18 -22.74
CA VAL L 151 5.32 -28.25 -23.73
C VAL L 151 6.35 -29.34 -23.46
N VAL L 152 5.89 -30.59 -23.28
CA VAL L 152 6.78 -31.68 -22.93
C VAL L 152 6.72 -32.79 -23.97
N THR L 153 7.85 -33.50 -24.11
CA THR L 153 7.96 -34.59 -25.06
C THR L 153 8.55 -35.82 -24.37
N ILE L 154 7.72 -36.81 -24.06
CA ILE L 154 8.16 -38.03 -23.39
C ILE L 154 7.70 -39.20 -24.26
N ASN L 155 8.61 -40.14 -24.52
CA ASN L 155 8.37 -41.36 -25.31
C ASN L 155 7.75 -41.02 -26.67
N ARG L 156 8.40 -40.10 -27.38
CA ARG L 156 8.00 -39.65 -28.72
C ARG L 156 6.53 -39.22 -28.78
N ASN L 157 6.04 -38.60 -27.70
CA ASN L 157 4.69 -38.05 -27.66
C ASN L 157 4.74 -36.65 -27.06
N ASP L 158 3.84 -35.79 -27.52
CA ASP L 158 3.80 -34.39 -27.11
C ASP L 158 2.59 -34.11 -26.23
N TYR L 159 2.85 -33.55 -25.04
CA TYR L 159 1.83 -33.18 -24.07
C TYR L 159 2.01 -31.70 -23.75
N THR L 160 0.96 -30.91 -23.94
CA THR L 160 1.01 -29.48 -23.67
C THR L 160 0.14 -29.07 -22.49
N PHE L 161 0.65 -28.18 -21.65
CA PHE L 161 -0.03 -27.75 -20.45
C PHE L 161 0.11 -26.25 -20.22
N GLN L 162 -0.84 -25.68 -19.47
CA GLN L 162 -0.68 -24.28 -19.05
C GLN L 162 0.10 -24.15 -17.73
N LYS L 163 -0.19 -24.98 -16.72
CA LYS L 163 0.52 -24.90 -15.45
C LYS L 163 0.85 -26.31 -14.98
N ALA L 164 1.95 -26.44 -14.24
CA ALA L 164 2.36 -27.71 -13.66
C ALA L 164 2.99 -27.50 -12.31
N GLN L 165 2.92 -28.53 -11.48
CA GLN L 165 3.57 -28.54 -10.17
C GLN L 165 4.58 -29.67 -10.19
N VAL L 166 5.84 -29.35 -9.88
CA VAL L 166 6.92 -30.32 -9.77
C VAL L 166 7.40 -30.34 -8.33
N GLU L 167 7.49 -31.55 -7.77
CA GLU L 167 8.02 -31.73 -6.42
C GLU L 167 9.31 -32.48 -6.62
N ALA L 168 10.39 -32.02 -6.01
CA ALA L 168 11.65 -32.66 -6.27
C ALA L 168 12.31 -32.99 -4.94
N GLU L 169 13.12 -34.04 -4.93
CA GLU L 169 13.74 -34.55 -3.73
C GLU L 169 15.24 -34.27 -3.77
N TRP L 170 15.76 -33.68 -2.70
CA TRP L 170 17.18 -33.38 -2.62
C TRP L 170 17.81 -34.53 -1.84
N VAL L 171 18.29 -35.54 -2.57
CA VAL L 171 18.96 -36.72 -2.03
C VAL L 171 20.04 -36.39 -0.99
N GLY M 5 13.75 -7.66 -26.15
CA GLY M 5 13.07 -7.80 -24.88
C GLY M 5 12.05 -8.91 -24.86
N TYR M 6 12.13 -9.82 -25.83
CA TYR M 6 11.21 -10.93 -25.93
C TYR M 6 11.93 -12.29 -25.84
N TYR M 7 11.40 -13.18 -24.99
CA TYR M 7 11.97 -14.49 -24.70
C TYR M 7 12.19 -15.37 -25.93
N GLU M 8 13.40 -15.95 -26.01
CA GLU M 8 13.82 -16.94 -27.01
C GLU M 8 13.70 -18.38 -26.49
N LEU M 9 12.91 -18.61 -25.42
CA LEU M 9 12.85 -19.93 -24.76
C LEU M 9 12.31 -21.06 -25.62
N TYR M 10 11.26 -20.84 -26.40
CA TYR M 10 10.63 -21.99 -27.08
C TYR M 10 11.33 -22.42 -28.37
N ARG M 11 12.53 -21.91 -28.67
CA ARG M 11 13.25 -22.36 -29.84
C ARG M 11 13.62 -23.85 -29.78
N ARG M 12 14.00 -24.34 -28.59
CA ARG M 12 14.43 -25.72 -28.42
C ARG M 12 13.32 -26.76 -28.52
N SER M 13 12.05 -26.34 -28.49
CA SER M 13 10.93 -27.26 -28.50
C SER M 13 10.86 -28.04 -29.81
N THR M 14 10.20 -29.21 -29.74
CA THR M 14 10.14 -30.10 -30.91
C THR M 14 9.48 -29.37 -32.08
N ILE M 15 8.42 -28.62 -31.80
CA ILE M 15 7.76 -27.82 -32.82
C ILE M 15 8.75 -26.78 -33.33
N GLY M 16 9.46 -26.14 -32.40
CA GLY M 16 10.47 -25.14 -32.74
C GLY M 16 11.59 -25.77 -33.50
N ASN M 17 11.99 -26.99 -33.09
CA ASN M 17 13.07 -27.71 -33.75
C ASN M 17 12.67 -27.97 -35.20
N SER M 18 11.40 -28.34 -35.40
CA SER M 18 10.90 -28.59 -36.74
C SER M 18 10.97 -27.32 -37.58
N LEU M 19 10.59 -26.18 -36.99
CA LEU M 19 10.71 -24.93 -37.74
C LEU M 19 12.15 -24.59 -38.08
N VAL M 20 13.09 -24.75 -37.13
CA VAL M 20 14.47 -24.34 -37.43
C VAL M 20 15.06 -25.22 -38.55
N ASP M 21 14.81 -26.53 -38.53
CA ASP M 21 15.34 -27.32 -39.65
C ASP M 21 14.66 -26.91 -40.96
N ALA M 22 13.34 -26.65 -40.94
CA ALA M 22 12.67 -26.27 -42.19
C ALA M 22 13.20 -24.95 -42.75
N LEU M 23 13.42 -23.94 -41.89
CA LEU M 23 14.01 -22.71 -42.37
C LEU M 23 15.43 -22.97 -42.88
N ASP M 24 16.19 -23.83 -42.18
CA ASP M 24 17.56 -24.11 -42.61
C ASP M 24 17.56 -24.75 -44.00
N THR M 25 16.62 -25.67 -44.24
CA THR M 25 16.52 -26.28 -45.56
C THR M 25 16.15 -25.24 -46.61
N LEU M 26 15.23 -24.33 -46.25
CA LEU M 26 14.85 -23.25 -47.17
C LEU M 26 16.03 -22.31 -47.44
N ILE M 27 16.83 -21.96 -46.43
CA ILE M 27 17.99 -21.08 -46.61
C ILE M 27 19.00 -21.78 -47.52
N SER M 28 19.17 -23.10 -47.34
CA SER M 28 20.09 -23.87 -48.17
C SER M 28 19.62 -23.79 -49.62
N ASP M 29 18.30 -23.88 -49.84
CA ASP M 29 17.74 -23.70 -51.17
C ASP M 29 17.99 -22.27 -51.64
N GLY M 30 17.97 -21.32 -50.71
CA GLY M 30 18.10 -19.90 -51.03
C GLY M 30 16.83 -19.15 -51.37
N ARG M 31 15.66 -19.75 -51.20
CA ARG M 31 14.40 -19.10 -51.54
C ARG M 31 14.18 -17.73 -50.84
N ILE M 32 14.68 -17.55 -49.62
CA ILE M 32 14.43 -16.32 -48.87
C ILE M 32 15.72 -15.94 -48.14
N GLU M 33 15.82 -14.66 -47.74
CA GLU M 33 16.96 -14.10 -47.05
C GLU M 33 16.97 -14.57 -45.57
N ALA M 34 18.17 -14.69 -44.98
CA ALA M 34 18.34 -15.12 -43.58
C ALA M 34 17.74 -14.19 -42.51
N SER M 35 17.82 -12.87 -42.69
CA SER M 35 17.23 -11.96 -41.71
C SER M 35 15.73 -12.17 -41.62
N LEU M 36 15.08 -12.41 -42.77
CA LEU M 36 13.66 -12.71 -42.78
C LEU M 36 13.40 -13.98 -41.98
N ALA M 37 14.29 -14.97 -42.11
CA ALA M 37 14.14 -16.23 -41.40
C ALA M 37 14.15 -15.96 -39.89
N MET M 38 15.05 -15.07 -39.46
CA MET M 38 15.11 -14.71 -38.03
C MET M 38 13.80 -14.06 -37.61
N ARG M 39 13.25 -13.23 -38.50
CA ARG M 39 12.00 -12.52 -38.22
C ARG M 39 10.89 -13.54 -37.99
N VAL M 40 10.85 -14.56 -38.86
CA VAL M 40 9.80 -15.59 -38.79
C VAL M 40 9.94 -16.35 -37.47
N LEU M 41 11.18 -16.64 -37.06
CA LEU M 41 11.40 -17.36 -35.81
C LEU M 41 10.91 -16.54 -34.62
N GLU M 42 11.16 -15.21 -34.65
CA GLU M 42 10.69 -14.34 -33.59
C GLU M 42 9.15 -14.33 -33.55
N THR M 43 8.51 -14.29 -34.73
CA THR M 43 7.05 -14.32 -34.77
C THR M 43 6.55 -15.62 -34.16
N PHE M 44 7.25 -16.73 -34.47
CA PHE M 44 6.83 -18.03 -33.97
C PHE M 44 6.87 -18.03 -32.45
N ASP M 45 7.93 -17.45 -31.88
CA ASP M 45 8.10 -17.43 -30.44
C ASP M 45 6.96 -16.65 -29.80
N LYS M 46 6.61 -15.50 -30.38
CA LYS M 46 5.55 -14.68 -29.81
C LYS M 46 4.19 -15.40 -29.87
N VAL M 47 3.88 -16.00 -31.04
CA VAL M 47 2.59 -16.66 -31.23
C VAL M 47 2.47 -17.86 -30.29
N VAL M 48 3.54 -18.65 -30.18
CA VAL M 48 3.51 -19.86 -29.36
C VAL M 48 3.30 -19.46 -27.91
N ALA M 49 3.92 -18.35 -27.47
CA ALA M 49 3.77 -17.97 -26.06
C ALA M 49 2.32 -17.63 -25.75
N GLU M 50 1.65 -16.82 -26.61
CA GLU M 50 0.27 -16.48 -26.22
C GLU M 50 -0.65 -17.70 -26.28
N THR M 51 -0.50 -18.56 -27.31
CA THR M 51 -1.38 -19.71 -27.39
C THR M 51 -1.17 -20.65 -26.20
N LEU M 52 0.07 -20.87 -25.76
CA LEU M 52 0.30 -21.66 -24.56
C LEU M 52 -0.32 -20.98 -23.36
N LYS M 53 -0.27 -19.64 -23.32
CA LYS M 53 -0.82 -18.91 -22.18
C LYS M 53 -2.31 -19.16 -22.04
N ASP M 54 -3.05 -19.27 -23.16
CA ASP M 54 -4.50 -19.35 -23.01
C ASP M 54 -5.17 -20.59 -23.63
N ASN M 55 -4.68 -21.13 -24.74
CA ASN M 55 -5.42 -22.19 -25.44
C ASN M 55 -5.20 -23.61 -24.92
N THR M 56 -4.58 -23.84 -23.77
CA THR M 56 -4.40 -25.19 -23.25
C THR M 56 -5.05 -25.35 -21.88
N GLN M 57 -5.68 -26.52 -21.67
CA GLN M 57 -6.41 -26.84 -20.44
C GLN M 57 -5.90 -28.04 -19.63
N SER M 58 -4.91 -28.79 -20.11
CA SER M 58 -4.46 -30.01 -19.44
C SER M 58 -3.80 -29.73 -18.08
N LYS M 59 -3.94 -30.71 -17.18
CA LYS M 59 -3.43 -30.68 -15.81
C LYS M 59 -2.51 -31.89 -15.59
N LEU M 60 -1.35 -31.66 -14.99
CA LEU M 60 -0.39 -32.75 -14.76
C LEU M 60 0.47 -32.45 -13.55
N THR M 61 0.98 -33.53 -12.93
CA THR M 61 1.85 -33.44 -11.77
C THR M 61 3.07 -34.34 -12.01
N VAL M 62 4.23 -33.82 -11.63
CA VAL M 62 5.52 -34.51 -11.71
C VAL M 62 5.96 -34.89 -10.30
N LYS M 63 6.16 -36.18 -10.05
CA LYS M 63 6.66 -36.65 -8.77
C LYS M 63 7.96 -37.40 -9.06
N GLY M 64 9.10 -36.86 -8.58
CA GLY M 64 10.37 -37.52 -8.84
C GLY M 64 11.57 -37.03 -8.05
N ASN M 65 12.63 -37.83 -8.10
CA ASN M 65 13.95 -37.46 -7.54
C ASN M 65 14.57 -36.30 -8.33
N LEU M 66 15.44 -35.53 -7.67
CA LEU M 66 16.05 -34.35 -8.30
C LEU M 66 17.56 -34.54 -8.45
N ASP M 67 18.03 -34.87 -9.65
CA ASP M 67 19.46 -35.16 -9.83
C ASP M 67 20.30 -33.88 -9.71
N THR M 68 20.04 -32.89 -10.57
CA THR M 68 20.79 -31.64 -10.59
C THR M 68 19.85 -30.47 -10.88
N TYR M 69 20.27 -29.28 -10.45
CA TYR M 69 19.52 -28.04 -10.65
C TYR M 69 20.50 -26.94 -11.01
N GLY M 70 20.01 -25.89 -11.65
CA GLY M 70 20.84 -24.73 -11.94
C GLY M 70 20.01 -23.48 -12.09
N PHE M 71 20.56 -22.35 -11.65
CA PHE M 71 19.90 -21.06 -11.82
C PHE M 71 20.91 -20.01 -12.28
N CYS M 72 20.98 -19.78 -13.59
CA CYS M 72 21.83 -18.74 -14.15
C CYS M 72 21.05 -17.93 -15.18
N ASP M 73 21.28 -16.62 -15.19
CA ASP M 73 20.67 -15.67 -16.14
C ASP M 73 19.14 -15.74 -16.10
N ASP M 74 18.59 -15.85 -14.88
CA ASP M 74 17.15 -15.86 -14.63
C ASP M 74 16.52 -17.08 -15.32
N VAL M 75 17.31 -18.13 -15.51
CA VAL M 75 16.87 -19.39 -16.09
C VAL M 75 17.05 -20.48 -15.06
N TRP M 76 15.99 -21.24 -14.79
CA TRP M 76 16.02 -22.32 -13.82
C TRP M 76 16.09 -23.63 -14.60
N THR M 77 17.14 -24.42 -14.38
CA THR M 77 17.38 -25.66 -15.12
C THR M 77 17.41 -26.86 -14.19
N PHE M 78 16.32 -27.62 -14.13
CA PHE M 78 16.19 -28.77 -13.24
C PHE M 78 16.32 -30.06 -14.03
N ILE M 79 17.12 -30.99 -13.53
CA ILE M 79 17.16 -32.34 -14.07
C ILE M 79 16.45 -33.20 -13.04
N VAL M 80 15.34 -33.82 -13.41
CA VAL M 80 14.53 -34.57 -12.46
C VAL M 80 14.61 -36.05 -12.84
N LYS M 81 14.78 -36.90 -11.82
CA LYS M 81 14.99 -38.34 -11.99
C LYS M 81 13.80 -39.16 -11.52
N ASN M 82 13.50 -40.21 -12.30
CA ASN M 82 12.45 -41.25 -12.10
C ASN M 82 11.06 -40.65 -11.84
N CYS M 83 10.70 -39.69 -12.70
CA CYS M 83 9.47 -38.92 -12.53
C CYS M 83 8.24 -39.81 -12.68
N GLN M 84 7.24 -39.53 -11.86
CA GLN M 84 5.94 -40.18 -11.95
C GLN M 84 5.01 -39.07 -12.46
N VAL M 85 4.80 -39.04 -13.77
CA VAL M 85 4.02 -38.00 -14.42
C VAL M 85 2.61 -38.51 -14.71
N THR M 86 1.62 -37.79 -14.23
CA THR M 86 0.19 -38.13 -14.35
C THR M 86 -0.47 -37.03 -15.19
N VAL M 87 -0.77 -37.32 -16.45
CA VAL M 87 -1.34 -36.34 -17.36
C VAL M 87 -2.74 -36.77 -17.75
N GLU M 88 -3.67 -35.82 -17.75
CA GLU M 88 -5.06 -36.02 -18.12
C GLU M 88 -5.35 -35.30 -19.43
N ASP M 89 -5.91 -36.02 -20.40
CA ASP M 89 -6.34 -35.38 -21.63
C ASP M 89 -7.59 -34.54 -21.41
N SER M 90 -7.70 -33.45 -22.18
CA SER M 90 -8.87 -32.58 -22.06
C SER M 90 -10.15 -33.29 -22.51
N HIS M 91 -10.08 -34.03 -23.60
CA HIS M 91 -11.23 -34.82 -24.07
C HIS M 91 -11.50 -36.00 -23.14
N SER M 102 -8.72 -38.66 -18.20
CA SER M 102 -8.26 -39.58 -17.18
C SER M 102 -6.75 -39.47 -17.00
N GLN M 103 -6.30 -39.51 -15.73
CA GLN M 103 -4.89 -39.46 -15.42
C GLN M 103 -4.17 -40.68 -15.99
N SER M 104 -3.03 -40.46 -16.64
CA SER M 104 -2.22 -41.54 -17.18
C SER M 104 -0.85 -41.48 -16.53
N VAL M 105 -0.43 -42.59 -15.91
CA VAL M 105 0.85 -42.65 -15.23
C VAL M 105 1.92 -43.11 -16.21
N ILE M 106 2.95 -42.28 -16.40
CA ILE M 106 4.12 -42.61 -17.20
C ILE M 106 5.32 -42.51 -16.28
N SER M 107 6.21 -43.52 -16.33
CA SER M 107 7.45 -43.48 -15.56
C SER M 107 8.60 -43.15 -16.52
N VAL M 108 9.18 -41.98 -16.36
CA VAL M 108 10.26 -41.49 -17.22
C VAL M 108 11.55 -41.39 -16.42
N ASP M 109 12.63 -41.96 -16.99
CA ASP M 109 13.92 -42.02 -16.30
C ASP M 109 14.53 -40.65 -16.02
N LYS M 110 14.51 -39.74 -17.00
CA LYS M 110 15.12 -38.43 -16.84
C LYS M 110 14.31 -37.35 -17.53
N LEU M 111 14.06 -36.25 -16.82
CA LEU M 111 13.38 -35.08 -17.35
C LEU M 111 14.20 -33.82 -17.09
N ARG M 112 14.38 -33.02 -18.14
CA ARG M 112 15.06 -31.71 -18.07
C ARG M 112 14.01 -30.61 -18.01
N ILE M 113 14.03 -29.84 -16.93
CA ILE M 113 13.09 -28.74 -16.75
C ILE M 113 13.84 -27.45 -17.03
N VAL M 114 13.51 -26.75 -18.12
CA VAL M 114 14.09 -25.44 -18.39
C VAL M 114 13.04 -24.37 -18.10
N ALA M 115 13.36 -23.41 -17.23
CA ALA M 115 12.35 -22.43 -16.85
C ALA M 115 12.89 -21.01 -16.99
N CYS M 116 11.97 -20.04 -16.84
CA CYS M 116 12.23 -18.61 -16.95
C CYS M 116 11.09 -17.86 -16.27
N ASN M 117 11.43 -16.75 -15.60
CA ASN M 117 10.45 -15.92 -14.92
C ASN M 117 9.47 -15.35 -15.94
N SER M 118 8.22 -15.15 -15.50
CA SER M 118 7.16 -14.62 -16.34
C SER M 118 7.60 -13.34 -17.05
N LYS M 119 8.06 -12.34 -16.31
CA LYS M 119 8.51 -11.08 -16.89
C LYS M 119 9.93 -10.77 -16.43
N LYS M 120 10.84 -10.66 -17.40
CA LYS M 120 12.26 -10.44 -17.12
C LYS M 120 12.58 -8.97 -16.94
N SER M 121 13.57 -8.69 -16.10
CA SER M 121 14.03 -7.34 -15.84
C SER M 121 15.38 -7.09 -16.51
#